data_1GVD
# 
_entry.id   1GVD 
# 
_audit_conform.dict_name       mmcif_pdbx.dic 
_audit_conform.dict_version    5.382 
_audit_conform.dict_location   http://mmcif.pdb.org/dictionaries/ascii/mmcif_pdbx.dic 
# 
loop_
_database_2.database_id 
_database_2.database_code 
_database_2.pdbx_database_accession 
_database_2.pdbx_DOI 
PDB   1GVD         pdb_00001gvd 10.2210/pdb1gvd/pdb 
PDBE  EBI-9425     ?            ?                   
WWPDB D_1290009425 ?            ?                   
# 
loop_
_pdbx_database_related.db_name 
_pdbx_database_related.db_id 
_pdbx_database_related.content_type 
_pdbx_database_related.details 
PDB 1GUU unspecified 'CRYSTAL STRUCTURE OF C-MYB R1' 
PDB 1GV2 unspecified 'CRYSTAL STRUCTURE OF C-MYB R2R3' 
PDB 1GV5 unspecified 'CRYSTAL STRUCTURE OF C-MYB R2' 
PDB 1H88 unspecified 'CRYSTAL STRUCTURE OF TERNARY PROTEIN-DNA COMPLEX1' 
PDB 1H89 unspecified 'CRYSTAL STRUCTURE OF TERNARY PROTEIN-DNA COMPLEX2' 
PDB 1IDY unspecified 'STRUCTURE OF MYB TRANSFORMING PROTEIN, NMR, MINIMIZEDAVERAGE STRUCTURE' 
PDB 1IDZ unspecified 'STRUCTURE OF MYB TRANSFORMING PROTEIN, NMR, 20 STRUCTURES' 
PDB 1MBE unspecified 'MOUSE C-MYB DEOXYRIBONUCLEIC ACID-BINDING DOMAIN REPEAT 1' 
PDB 1MBF unspecified 'MOUSE C-MYB DEOXYRIBONUCLEIC ACID-BINDING DOMAIN REPEAT 1' 
PDB 1MBG unspecified 'MOUSE C-MYB DEOXYRIBONUCLEIC ACID-BINDING DOMAIN REPEAT 2' 
PDB 1MBH unspecified 'MOUSE C-MYB DEOXYRIBONUCLEIC ACID-BINDING DOMAIN REPEAT 2' 
PDB 1MBJ unspecified 'MOUSE C-MYB DEOXYRIBONUCLEIC ACID-BINDING DOMAIN REPEAT 3' 
PDB 1MBK unspecified 'MOUSE C-MYB DEOXYRIBONUCLEIC ACID-BINDING DOMAIN REPEAT 3' 
PDB 1MSE unspecified 
'C-MYB DEOXYRIBONUCLEIC ACID-BINDING DOMAIN COMPLEXED WITH DEOXYRIBONUCLEIC ACID (NMR, MINIMIZED AVERAGE STRUCTURE)' 
PDB 1MSF unspecified 'C-MYB DEOXYRIBONUCLEIC ACID-BINDING DOMAIN COMPLEXED WITH DEOXYRIBONUCLEIC ACID (NMR, 25 STRUCTURES)' 
# 
_pdbx_database_status.status_code                     REL 
_pdbx_database_status.entry_id                        1GVD 
_pdbx_database_status.deposit_site                    PDBE 
_pdbx_database_status.process_site                    PDBE 
_pdbx_database_status.SG_entry                        . 
_pdbx_database_status.recvd_initial_deposition_date   2002-02-08 
_pdbx_database_status.pdb_format_compatible           Y 
_pdbx_database_status.status_code_sf                  REL 
_pdbx_database_status.status_code_mr                  ? 
_pdbx_database_status.status_code_cs                  ? 
_pdbx_database_status.methods_development_category    ? 
_pdbx_database_status.status_code_nmr_data            ? 
# 
loop_
_audit_author.name 
_audit_author.pdbx_ordinal 
'Tahirov, T.H.' 1 
'Ogata, K.'     2 
# 
loop_
_citation.id 
_citation.title 
_citation.journal_abbrev 
_citation.journal_volume 
_citation.page_first 
_citation.page_last 
_citation.year 
_citation.journal_id_ASTM 
_citation.country 
_citation.journal_id_ISSN 
_citation.journal_id_CSD 
_citation.book_publisher 
_citation.pdbx_database_id_PubMed 
_citation.pdbx_database_id_DOI 
primary 'Crystal Structure of C-Myb DNA-Binding Domain: Specific Na+ Binding and Correlation with NMR Structure' 'To be Published' 
?   ?    ? ?    ?      ?  ?         0353 ? ?        ?                               
1       'Mechanism of C-Myb-C/Ebpbeta Cooperation from Separated Sites on a Promoter'                            
'Cell (Cambridge,Mass.)'   108 57   ? 2002 CELLB5 US 0092-8674 0998 ? 11792321 '10.1016/S0092-8674(01)00636-5' 
2       'Crystallization and Preliminary X-Ray Analysis of Wild Type and V103L Mutant Myb R2 DNA-Binding Domain' 
'Acta Crystallogr.,Sect.D' 55  1345 ? 1999 ABCRE6 DK 0907-4449 0766 ? 10393303 10.1107/S0907444999005041       
# 
loop_
_citation_author.citation_id 
_citation_author.name 
_citation_author.ordinal 
_citation_author.identifier_ORCID 
primary 'Tahirov, T.H.'      1  ? 
primary 'Morii, H.'          2  ? 
primary 'Uedaira, H.'        3  ? 
primary 'Sasaki, M.'         4  ? 
primary 'Sarai, A.'          5  ? 
primary 'Adachi, S.'         6  ? 
primary 'Park, S.Y.'         7  ? 
primary 'Kamiya, N.'         8  ? 
primary 'Ogata, K.'          9  ? 
1       'Tahirov, T.H.'      10 ? 
1       'Sato, K.'           11 ? 
1       'Ichikawa-Iwata, E.' 12 ? 
1       'Sasaki, M.'         13 ? 
1       'Inoue-Bungo, T.'    14 ? 
1       'Shiina, M.'         15 ? 
1       'Kimura, K.'         16 ? 
1       'Takata, S.'         17 ? 
1       'Fujikawa, A.'       18 ? 
1       'Morii, H.'          19 ? 
1       'Kumasaka, T.'       20 ? 
1       'Yamamoto, M.'       21 ? 
1       'Ishii, S.'          22 ? 
1       'Ogata, K.'          23 ? 
2       'Tahirov, T.H.'      24 ? 
2       'Morii, H.'          25 ? 
2       'Uedaira, H.'        26 ? 
2       'Sarai, A.'          27 ? 
2       'Ogata, K.'          28 ? 
# 
_cell.entry_id           1GVD 
_cell.length_a           28.951 
_cell.length_b           40.114 
_cell.length_c           48.807 
_cell.angle_alpha        90.00 
_cell.angle_beta         90.00 
_cell.angle_gamma        90.00 
_cell.Z_PDB              4 
_cell.pdbx_unique_axis   ? 
# 
_symmetry.entry_id                         1GVD 
_symmetry.space_group_name_H-M             'P 21 21 21' 
_symmetry.pdbx_full_space_group_name_H-M   ? 
_symmetry.cell_setting                     ? 
_symmetry.Int_Tables_number                19 
# 
loop_
_entity.id 
_entity.type 
_entity.src_method 
_entity.pdbx_description 
_entity.formula_weight 
_entity.pdbx_number_of_molecules 
_entity.pdbx_ec 
_entity.pdbx_mutation 
_entity.pdbx_fragment 
_entity.details 
1 polymer     syn 'MYB PROTO-ONCOGENE PROTEIN' 6316.437 1  ? YES 'R2, RESIDUES 90-141' ? 
2 non-polymer syn 'AMMONIUM ION'               18.038   1  ? ?   ?                     ? 
3 non-polymer syn 'SULFATE ION'                96.063   2  ? ?   ?                     ? 
4 water       nat water                        18.015   51 ? ?   ?                     ? 
# 
_entity_poly.entity_id                      1 
_entity_poly.type                           'polypeptide(L)' 
_entity_poly.nstd_linkage                   no 
_entity_poly.nstd_monomer                   no 
_entity_poly.pdbx_seq_one_letter_code       LIKGPWTKEEDQRLIKLVQKYGPKRWSVIAKHLKGRIGKQCRERWHNHLNPE 
_entity_poly.pdbx_seq_one_letter_code_can   LIKGPWTKEEDQRLIKLVQKYGPKRWSVIAKHLKGRIGKQCRERWHNHLNPE 
_entity_poly.pdbx_strand_id                 A 
_entity_poly.pdbx_target_identifier         ? 
# 
loop_
_entity_poly_seq.entity_id 
_entity_poly_seq.num 
_entity_poly_seq.mon_id 
_entity_poly_seq.hetero 
1 1  LEU n 
1 2  ILE n 
1 3  LYS n 
1 4  GLY n 
1 5  PRO n 
1 6  TRP n 
1 7  THR n 
1 8  LYS n 
1 9  GLU n 
1 10 GLU n 
1 11 ASP n 
1 12 GLN n 
1 13 ARG n 
1 14 LEU n 
1 15 ILE n 
1 16 LYS n 
1 17 LEU n 
1 18 VAL n 
1 19 GLN n 
1 20 LYS n 
1 21 TYR n 
1 22 GLY n 
1 23 PRO n 
1 24 LYS n 
1 25 ARG n 
1 26 TRP n 
1 27 SER n 
1 28 VAL n 
1 29 ILE n 
1 30 ALA n 
1 31 LYS n 
1 32 HIS n 
1 33 LEU n 
1 34 LYS n 
1 35 GLY n 
1 36 ARG n 
1 37 ILE n 
1 38 GLY n 
1 39 LYS n 
1 40 GLN n 
1 41 CYS n 
1 42 ARG n 
1 43 GLU n 
1 44 ARG n 
1 45 TRP n 
1 46 HIS n 
1 47 ASN n 
1 48 HIS n 
1 49 LEU n 
1 50 ASN n 
1 51 PRO n 
1 52 GLU n 
# 
_pdbx_entity_src_syn.entity_id              1 
_pdbx_entity_src_syn.pdbx_src_id            1 
_pdbx_entity_src_syn.pdbx_alt_source_flag   sample 
_pdbx_entity_src_syn.pdbx_beg_seq_num       ? 
_pdbx_entity_src_syn.pdbx_end_seq_num       ? 
_pdbx_entity_src_syn.organism_scientific    'MUS MUSCULUS' 
_pdbx_entity_src_syn.organism_common_name   MOUSE 
_pdbx_entity_src_syn.ncbi_taxonomy_id       10090 
_pdbx_entity_src_syn.details                ? 
# 
_struct_ref.id                         1 
_struct_ref.db_name                    UNP 
_struct_ref.db_code                    MYB_MOUSE 
_struct_ref.entity_id                  1 
_struct_ref.pdbx_seq_one_letter_code   ? 
_struct_ref.pdbx_align_begin           ? 
_struct_ref.pdbx_db_accession          P06876 
_struct_ref.pdbx_db_isoform            ? 
# 
_struct_ref_seq.align_id                      1 
_struct_ref_seq.ref_id                        1 
_struct_ref_seq.pdbx_PDB_id_code              1GVD 
_struct_ref_seq.pdbx_strand_id                A 
_struct_ref_seq.seq_align_beg                 1 
_struct_ref_seq.pdbx_seq_align_beg_ins_code   ? 
_struct_ref_seq.seq_align_end                 52 
_struct_ref_seq.pdbx_seq_align_end_ins_code   ? 
_struct_ref_seq.pdbx_db_accession             P06876 
_struct_ref_seq.db_align_beg                  90 
_struct_ref_seq.pdbx_db_align_beg_ins_code    ? 
_struct_ref_seq.db_align_end                  141 
_struct_ref_seq.pdbx_db_align_end_ins_code    ? 
_struct_ref_seq.pdbx_auth_seq_align_beg       90 
_struct_ref_seq.pdbx_auth_seq_align_end       141 
# 
loop_
_struct_ref_seq_dif.align_id 
_struct_ref_seq_dif.pdbx_pdb_id_code 
_struct_ref_seq_dif.mon_id 
_struct_ref_seq_dif.pdbx_pdb_strand_id 
_struct_ref_seq_dif.seq_num 
_struct_ref_seq_dif.pdbx_pdb_ins_code 
_struct_ref_seq_dif.pdbx_seq_db_name 
_struct_ref_seq_dif.pdbx_seq_db_accession_code 
_struct_ref_seq_dif.db_mon_id 
_struct_ref_seq_dif.pdbx_seq_db_seq_num 
_struct_ref_seq_dif.details 
_struct_ref_seq_dif.pdbx_auth_seq_num 
_struct_ref_seq_dif.pdbx_ordinal 
1 1GVD LYS A 16 ? UNP P06876 GLN 105 variant               105 1 
1 1GVD LEU A 14 ? UNP P06876 VAL 103 'engineered mutation' 103 2 
# 
loop_
_chem_comp.id 
_chem_comp.type 
_chem_comp.mon_nstd_flag 
_chem_comp.name 
_chem_comp.pdbx_synonyms 
_chem_comp.formula 
_chem_comp.formula_weight 
ALA 'L-peptide linking' y ALANINE         ? 'C3 H7 N O2'     89.093  
ARG 'L-peptide linking' y ARGININE        ? 'C6 H15 N4 O2 1' 175.209 
ASN 'L-peptide linking' y ASPARAGINE      ? 'C4 H8 N2 O3'    132.118 
ASP 'L-peptide linking' y 'ASPARTIC ACID' ? 'C4 H7 N O4'     133.103 
CYS 'L-peptide linking' y CYSTEINE        ? 'C3 H7 N O2 S'   121.158 
GLN 'L-peptide linking' y GLUTAMINE       ? 'C5 H10 N2 O3'   146.144 
GLU 'L-peptide linking' y 'GLUTAMIC ACID' ? 'C5 H9 N O4'     147.129 
GLY 'peptide linking'   y GLYCINE         ? 'C2 H5 N O2'     75.067  
HIS 'L-peptide linking' y HISTIDINE       ? 'C6 H10 N3 O2 1' 156.162 
HOH non-polymer         . WATER           ? 'H2 O'           18.015  
ILE 'L-peptide linking' y ISOLEUCINE      ? 'C6 H13 N O2'    131.173 
LEU 'L-peptide linking' y LEUCINE         ? 'C6 H13 N O2'    131.173 
LYS 'L-peptide linking' y LYSINE          ? 'C6 H15 N2 O2 1' 147.195 
NH4 non-polymer         . 'AMMONIUM ION'  ? 'H4 N 1'         18.038  
PRO 'L-peptide linking' y PROLINE         ? 'C5 H9 N O2'     115.130 
SER 'L-peptide linking' y SERINE          ? 'C3 H7 N O3'     105.093 
SO4 non-polymer         . 'SULFATE ION'   ? 'O4 S -2'        96.063  
THR 'L-peptide linking' y THREONINE       ? 'C4 H9 N O3'     119.119 
TRP 'L-peptide linking' y TRYPTOPHAN      ? 'C11 H12 N2 O2'  204.225 
TYR 'L-peptide linking' y TYROSINE        ? 'C9 H11 N O3'    181.189 
VAL 'L-peptide linking' y VALINE          ? 'C5 H11 N O2'    117.146 
# 
_exptl.entry_id          1GVD 
_exptl.method            'X-RAY DIFFRACTION' 
_exptl.crystals_number   1 
# 
_exptl_crystal.id                    1 
_exptl_crystal.density_meas          ? 
_exptl_crystal.density_Matthews      2.24 
_exptl_crystal.density_percent_sol   45.9 
_exptl_crystal.description           ? 
_exptl_crystal.preparation           ? 
# 
_exptl_crystal_grow.crystal_id      1 
_exptl_crystal_grow.method          ? 
_exptl_crystal_grow.temp            297 
_exptl_crystal_grow.temp_details    ? 
_exptl_crystal_grow.pH              6.80 
_exptl_crystal_grow.pdbx_pH_range   ? 
_exptl_crystal_grow.pdbx_details    
'3.15 M AMMONIUM SULFATE IN 0.05 M MES BUFFER AT PH 6.8, PROTEIN CONCENTRATION 10 MG/ML PLUS 10 MM DTT, TEMPERATURE 297 K' 
# 
_diffrn.id                               1 
_diffrn.ambient_temp                     293.0 
_diffrn.ambient_temp_details             ? 
_diffrn.crystal_id                       1 
_diffrn.pdbx_serial_crystal_experiment   ? 
# 
_diffrn_detector.diffrn_id              1 
_diffrn_detector.detector               'IMAGE PLATE' 
_diffrn_detector.type                   'MAC Science DIP-2030' 
_diffrn_detector.pdbx_collection_date   1997-07-16 
_diffrn_detector.details                'MAC SCIENCE DOUBLE MIRROR' 
# 
_diffrn_radiation.diffrn_id                        1 
_diffrn_radiation.wavelength_id                    1 
_diffrn_radiation.pdbx_monochromatic_or_laue_m_l   M 
_diffrn_radiation.monochromator                    '0.15 MM NICKEL FILTER' 
_diffrn_radiation.pdbx_diffrn_protocol             'SINGLE WAVELENGTH' 
_diffrn_radiation.pdbx_scattering_type             x-ray 
# 
_diffrn_radiation_wavelength.id           1 
_diffrn_radiation_wavelength.wavelength   1.5418 
_diffrn_radiation_wavelength.wt           1.0 
# 
_diffrn_source.diffrn_id                   1 
_diffrn_source.source                      'ROTATING ANODE' 
_diffrn_source.type                        'MAC SCIENCE M06XHF22' 
_diffrn_source.pdbx_synchrotron_site       ? 
_diffrn_source.pdbx_synchrotron_beamline   ? 
_diffrn_source.pdbx_wavelength             1.5418 
_diffrn_source.pdbx_wavelength_list        ? 
# 
_reflns.pdbx_diffrn_id               1 
_reflns.pdbx_ordinal                 1 
_reflns.entry_id                     1GVD 
_reflns.observed_criterion_sigma_I   0.000 
_reflns.observed_criterion_sigma_F   ? 
_reflns.d_resolution_low             20.000 
_reflns.d_resolution_high            1.450 
_reflns.number_obs                   10332 
_reflns.number_all                   ? 
_reflns.percent_possible_obs         98.0 
_reflns.pdbx_Rmerge_I_obs            0.06300 
_reflns.pdbx_Rsym_value              ? 
_reflns.pdbx_netI_over_sigmaI        38.2040 
_reflns.B_iso_Wilson_estimate        14.4 
_reflns.pdbx_redundancy              8.657 
# 
_reflns_shell.pdbx_diffrn_id         1 
_reflns_shell.pdbx_ordinal           1 
_reflns_shell.d_res_high             1.45 
_reflns_shell.d_res_low              1.50 
_reflns_shell.percent_possible_all   95.2 
_reflns_shell.Rmerge_I_obs           0.20000 
_reflns_shell.pdbx_Rsym_value        ? 
_reflns_shell.meanI_over_sigI_obs    8.351 
_reflns_shell.pdbx_redundancy        6.07 
# 
_refine.pdbx_refine_id                           'X-RAY DIFFRACTION' 
_refine.entry_id                                 1GVD 
_refine.pdbx_diffrn_id                           1 
_refine.pdbx_TLS_residual_ADP_flag               ? 
_refine.ls_number_reflns_obs                     10307 
_refine.ls_number_reflns_all                     ? 
_refine.pdbx_ls_sigma_I                          ? 
_refine.pdbx_ls_sigma_F                          0.0 
_refine.pdbx_data_cutoff_high_absF               731165.04 
_refine.pdbx_data_cutoff_low_absF                ? 
_refine.pdbx_data_cutoff_high_rms_absF           ? 
_refine.ls_d_res_low                             12.45 
_refine.ls_d_res_high                            1.45 
_refine.ls_percent_reflns_obs                    97.9 
_refine.ls_R_factor_obs                          0.180 
_refine.ls_R_factor_all                          ? 
_refine.ls_R_factor_R_work                       0.180 
_refine.ls_R_factor_R_free                       0.195 
_refine.ls_R_factor_R_free_error                 0.008 
_refine.ls_R_factor_R_free_error_details         ? 
_refine.ls_percent_reflns_R_free                 5.3 
_refine.ls_number_reflns_R_free                  543 
_refine.ls_number_parameters                     ? 
_refine.ls_number_restraints                     ? 
_refine.occupancy_min                            ? 
_refine.occupancy_max                            ? 
_refine.correlation_coeff_Fo_to_Fc               ? 
_refine.correlation_coeff_Fo_to_Fc_free          ? 
_refine.B_iso_mean                               16.5 
_refine.aniso_B[1][1]                            0.87 
_refine.aniso_B[2][2]                            -1.24 
_refine.aniso_B[3][3]                            0.37 
_refine.aniso_B[1][2]                            0.00 
_refine.aniso_B[1][3]                            0.00 
_refine.aniso_B[2][3]                            0.00 
_refine.solvent_model_details                    'FLAT MODEL' 
_refine.solvent_model_param_ksol                 0.550446 
_refine.solvent_model_param_bsol                 80.5097 
_refine.pdbx_solvent_vdw_probe_radii             ? 
_refine.pdbx_solvent_ion_probe_radii             ? 
_refine.pdbx_solvent_shrinkage_radii             ? 
_refine.pdbx_ls_cross_valid_method               THROUGHOUT 
_refine.details                                  ? 
_refine.pdbx_starting_model                      'PDB ENTRY 1GV5' 
_refine.pdbx_method_to_determine_struct          'MOLECULAR REPLACEMENT' 
_refine.pdbx_isotropic_thermal_model             RESTRAINED 
_refine.pdbx_stereochemistry_target_values       ? 
_refine.pdbx_stereochem_target_val_spec_case     ? 
_refine.pdbx_R_Free_selection_details            RANDOM 
_refine.pdbx_overall_ESU_R                       ? 
_refine.pdbx_overall_ESU_R_Free                  ? 
_refine.overall_SU_ML                            ? 
_refine.pdbx_overall_phase_error                 ? 
_refine.overall_SU_B                             ? 
_refine.overall_SU_R_Cruickshank_DPI             ? 
_refine.pdbx_overall_SU_R_free_Cruickshank_DPI   ? 
_refine.pdbx_overall_SU_R_Blow_DPI               ? 
_refine.pdbx_overall_SU_R_free_Blow_DPI          ? 
# 
_refine_analyze.pdbx_refine_id                  'X-RAY DIFFRACTION' 
_refine_analyze.entry_id                        1GVD 
_refine_analyze.Luzzati_coordinate_error_obs    0.15 
_refine_analyze.Luzzati_sigma_a_obs             0.06 
_refine_analyze.Luzzati_d_res_low_obs           20.00 
_refine_analyze.Luzzati_coordinate_error_free   0.16 
_refine_analyze.Luzzati_sigma_a_free            0.07 
_refine_analyze.Luzzati_d_res_low_free          ? 
_refine_analyze.number_disordered_residues      ? 
_refine_analyze.occupancy_sum_hydrogen          ? 
_refine_analyze.occupancy_sum_non_hydrogen      ? 
# 
_refine_hist.pdbx_refine_id                   'X-RAY DIFFRACTION' 
_refine_hist.cycle_id                         LAST 
_refine_hist.pdbx_number_atoms_protein        446 
_refine_hist.pdbx_number_atoms_nucleic_acid   0 
_refine_hist.pdbx_number_atoms_ligand         11 
_refine_hist.number_atoms_solvent             51 
_refine_hist.number_atoms_total               508 
_refine_hist.d_res_high                       1.45 
_refine_hist.d_res_low                        12.45 
# 
loop_
_refine_ls_restr.type 
_refine_ls_restr.dev_ideal 
_refine_ls_restr.dev_ideal_target 
_refine_ls_restr.weight 
_refine_ls_restr.number 
_refine_ls_restr.pdbx_refine_id 
_refine_ls_restr.pdbx_restraint_function 
c_bond_d                0.003 ?    ? ? 'X-RAY DIFFRACTION' ? 
c_bond_d_na             ?     ?    ? ? 'X-RAY DIFFRACTION' ? 
c_bond_d_prot           ?     ?    ? ? 'X-RAY DIFFRACTION' ? 
c_angle_d               ?     ?    ? ? 'X-RAY DIFFRACTION' ? 
c_angle_d_na            ?     ?    ? ? 'X-RAY DIFFRACTION' ? 
c_angle_d_prot          ?     ?    ? ? 'X-RAY DIFFRACTION' ? 
c_angle_deg             1.1   ?    ? ? 'X-RAY DIFFRACTION' ? 
c_angle_deg_na          ?     ?    ? ? 'X-RAY DIFFRACTION' ? 
c_angle_deg_prot        ?     ?    ? ? 'X-RAY DIFFRACTION' ? 
c_dihedral_angle_d      18.3  ?    ? ? 'X-RAY DIFFRACTION' ? 
c_dihedral_angle_d_na   ?     ?    ? ? 'X-RAY DIFFRACTION' ? 
c_dihedral_angle_d_prot ?     ?    ? ? 'X-RAY DIFFRACTION' ? 
c_improper_angle_d      0.72  ?    ? ? 'X-RAY DIFFRACTION' ? 
c_improper_angle_d_na   ?     ?    ? ? 'X-RAY DIFFRACTION' ? 
c_improper_angle_d_prot ?     ?    ? ? 'X-RAY DIFFRACTION' ? 
c_mcbond_it             1.94  1.50 ? ? 'X-RAY DIFFRACTION' ? 
c_mcangle_it            2.80  2.00 ? ? 'X-RAY DIFFRACTION' ? 
c_scbond_it             3.21  2.00 ? ? 'X-RAY DIFFRACTION' ? 
c_scangle_it            4.74  2.50 ? ? 'X-RAY DIFFRACTION' ? 
# 
_refine_ls_shell.pdbx_refine_id                   'X-RAY DIFFRACTION' 
_refine_ls_shell.pdbx_total_number_of_bins_used   6 
_refine_ls_shell.d_res_high                       1.45 
_refine_ls_shell.d_res_low                        1.54 
_refine_ls_shell.number_reflns_R_work             1543 
_refine_ls_shell.R_factor_R_work                  0.236 
_refine_ls_shell.percent_reflns_obs               94.0 
_refine_ls_shell.R_factor_R_free                  0.253 
_refine_ls_shell.R_factor_R_free_error            0.032 
_refine_ls_shell.percent_reflns_R_free            3.8 
_refine_ls_shell.number_reflns_R_free             61 
_refine_ls_shell.number_reflns_all                ? 
_refine_ls_shell.R_factor_all                     ? 
# 
loop_
_pdbx_xplor_file.pdbx_refine_id 
_pdbx_xplor_file.serial_no 
_pdbx_xplor_file.param_file 
_pdbx_xplor_file.topol_file 
'X-RAY DIFFRACTION' 1 PROTEIN_REP.PARAM PROTEIN.TOP 
'X-RAY DIFFRACTION' 2 ION.PARAM         ION.TOP     
'X-RAY DIFFRACTION' 3 WATER_REP.PARAM   WATER.TOP   
# 
_struct.entry_id                  1GVD 
_struct.title                     'CRYSTAL STRUCTURE OF C-MYB R2 V103L MUTANT' 
_struct.pdbx_model_details        ? 
_struct.pdbx_CASP_flag            ? 
_struct.pdbx_model_type_details   ? 
# 
_struct_keywords.entry_id        1GVD 
_struct_keywords.pdbx_keywords   TRANSCRIPTION 
_struct_keywords.text            
'TRANSCRIPTION, TRANSCRIPTION REGULATION, MYB, C-MYB, DNA BINDING, ION BINDING, PROTO-ONCOGENE, NUCLEAR PROTEIN' 
# 
loop_
_struct_asym.id 
_struct_asym.pdbx_blank_PDB_chainid_flag 
_struct_asym.pdbx_modified 
_struct_asym.entity_id 
_struct_asym.details 
A N N 1 ? 
B N N 2 ? 
C N N 3 ? 
D N N 3 ? 
E N N 4 ? 
# 
loop_
_struct_conf.conf_type_id 
_struct_conf.id 
_struct_conf.pdbx_PDB_helix_id 
_struct_conf.beg_label_comp_id 
_struct_conf.beg_label_asym_id 
_struct_conf.beg_label_seq_id 
_struct_conf.pdbx_beg_PDB_ins_code 
_struct_conf.end_label_comp_id 
_struct_conf.end_label_asym_id 
_struct_conf.end_label_seq_id 
_struct_conf.pdbx_end_PDB_ins_code 
_struct_conf.beg_auth_comp_id 
_struct_conf.beg_auth_asym_id 
_struct_conf.beg_auth_seq_id 
_struct_conf.end_auth_comp_id 
_struct_conf.end_auth_asym_id 
_struct_conf.end_auth_seq_id 
_struct_conf.pdbx_PDB_helix_class 
_struct_conf.details 
_struct_conf.pdbx_PDB_helix_length 
HELX_P HELX_P1 1 THR A 7  ? GLY A 22 ? THR A 96  GLY A 111 1 ? 16 
HELX_P HELX_P2 2 ARG A 25 ? LYS A 31 ? ARG A 114 LYS A 120 1 ? 7  
HELX_P HELX_P3 3 ILE A 37 ? HIS A 48 ? ILE A 126 HIS A 137 1 ? 12 
# 
_struct_conf_type.id          HELX_P 
_struct_conf_type.criteria    ? 
_struct_conf_type.reference   ? 
# 
loop_
_struct_site.id 
_struct_site.pdbx_evidence_code 
_struct_site.pdbx_auth_asym_id 
_struct_site.pdbx_auth_comp_id 
_struct_site.pdbx_auth_seq_id 
_struct_site.pdbx_auth_ins_code 
_struct_site.pdbx_num_residues 
_struct_site.details 
AC1 Software ? ? ? ? 5 'BINDING SITE FOR RESIDUE NH4 A1142' 
AC2 Software ? ? ? ? 4 'BINDING SITE FOR RESIDUE SO4 A1143' 
AC3 Software ? ? ? ? 5 'BINDING SITE FOR RESIDUE SO4 A1144' 
# 
loop_
_struct_site_gen.id 
_struct_site_gen.site_id 
_struct_site_gen.pdbx_num_res 
_struct_site_gen.label_comp_id 
_struct_site_gen.label_asym_id 
_struct_site_gen.label_seq_id 
_struct_site_gen.pdbx_auth_ins_code 
_struct_site_gen.auth_comp_id 
_struct_site_gen.auth_asym_id 
_struct_site_gen.auth_seq_id 
_struct_site_gen.label_atom_id 
_struct_site_gen.label_alt_id 
_struct_site_gen.symmetry 
_struct_site_gen.details 
1  AC1 5 ALA A 30 ? ALA A 119  . ? 1_555 ? 
2  AC1 5 LEU A 33 ? LEU A 122  . ? 1_555 ? 
3  AC1 5 ARG A 36 ? ARG A 125  . ? 1_555 ? 
4  AC1 5 SO4 C .  ? SO4 A 1143 . ? 1_555 ? 
5  AC1 5 HOH E .  ? HOH A 2048 . ? 1_555 ? 
6  AC2 4 LEU A 1  ? LEU A 90   . ? 1_555 ? 
7  AC2 4 LYS A 34 ? LYS A 123  . ? 1_555 ? 
8  AC2 4 GLY A 35 ? GLY A 124  . ? 1_555 ? 
9  AC2 4 NH4 B .  ? NH4 A 1142 . ? 1_555 ? 
10 AC3 5 LYS A 20 ? LYS A 109  . ? 1_555 ? 
11 AC3 5 LYS A 39 ? LYS A 128  . ? 1_555 ? 
12 AC3 5 ARG A 42 ? ARG A 131  . ? 1_555 ? 
13 AC3 5 HOH E .  ? HOH A 2050 . ? 1_555 ? 
14 AC3 5 HOH E .  ? HOH A 2051 . ? 1_555 ? 
# 
_atom_sites.entry_id                    1GVD 
_atom_sites.fract_transf_matrix[1][1]   -0.00454419 
_atom_sites.fract_transf_matrix[1][2]   0.03101282 
_atom_sites.fract_transf_matrix[1][3]   0.01451331 
_atom_sites.fract_transf_matrix[2][1]   0.00650288 
_atom_sites.fract_transf_matrix[2][2]   0.01097568 
_atom_sites.fract_transf_matrix[2][3]   -0.02141733 
_atom_sites.fract_transf_matrix[3][1]   -0.01959509 
_atom_sites.fract_transf_matrix[3][2]   -0.00007010 
_atom_sites.fract_transf_matrix[3][3]   -0.00598553 
_atom_sites.fract_transf_vector[1]      0.567149 
_atom_sites.fract_transf_vector[2]      0.597472 
_atom_sites.fract_transf_vector[3]      0.370745 
# 
loop_
_atom_type.symbol 
C 
N 
O 
S 
# 
loop_
_atom_site.group_PDB 
_atom_site.id 
_atom_site.type_symbol 
_atom_site.label_atom_id 
_atom_site.label_alt_id 
_atom_site.label_comp_id 
_atom_site.label_asym_id 
_atom_site.label_entity_id 
_atom_site.label_seq_id 
_atom_site.pdbx_PDB_ins_code 
_atom_site.Cartn_x 
_atom_site.Cartn_y 
_atom_site.Cartn_z 
_atom_site.occupancy 
_atom_site.B_iso_or_equiv 
_atom_site.pdbx_formal_charge 
_atom_site.auth_seq_id 
_atom_site.auth_comp_id 
_atom_site.auth_asym_id 
_atom_site.auth_atom_id 
_atom_site.pdbx_PDB_model_num 
ATOM   1   N N   . LEU A 1 1  ? -5.617  -4.703  14.090  1.00 19.47 ? 90   LEU A N   1 
ATOM   2   C CA  . LEU A 1 1  ? -4.194  -4.431  14.451  1.00 15.57 ? 90   LEU A CA  1 
ATOM   3   C C   . LEU A 1 1  ? -3.731  -3.103  13.874  1.00 18.34 ? 90   LEU A C   1 
ATOM   4   O O   . LEU A 1 1  ? -4.231  -2.653  12.842  1.00 18.90 ? 90   LEU A O   1 
ATOM   5   C CB  . LEU A 1 1  ? -3.287  -5.548  13.928  1.00 19.05 ? 90   LEU A CB  1 
ATOM   6   C CG  . LEU A 1 1  ? -3.527  -6.954  14.479  1.00 19.45 ? 90   LEU A CG  1 
ATOM   7   C CD1 . LEU A 1 1  ? -2.564  -7.927  13.823  1.00 21.59 ? 90   LEU A CD1 1 
ATOM   8   C CD2 . LEU A 1 1  ? -3.339  -6.958  15.989  1.00 22.03 ? 90   LEU A CD2 1 
ATOM   9   N N   . ILE A 1 2  ? -2.769  -2.485  14.547  1.00 17.04 ? 91   ILE A N   1 
ATOM   10  C CA  . ILE A 1 2  ? -2.221  -1.208  14.117  1.00 20.47 ? 91   ILE A CA  1 
ATOM   11  C C   . ILE A 1 2  ? -0.703  -1.297  13.989  1.00 18.58 ? 91   ILE A C   1 
ATOM   12  O O   . ILE A 1 2  ? -0.016  -1.705  14.923  1.00 17.34 ? 91   ILE A O   1 
ATOM   13  C CB  . ILE A 1 2  ? -2.560  -0.087  15.129  1.00 23.37 ? 91   ILE A CB  1 
ATOM   14  C CG1 . ILE A 1 2  ? -4.076  -0.012  15.338  1.00 29.94 ? 91   ILE A CG1 1 
ATOM   15  C CG2 . ILE A 1 2  ? -2.021  1.245   14.633  1.00 28.39 ? 91   ILE A CG2 1 
ATOM   16  C CD1 . ILE A 1 2  ? -4.867  0.275   14.076  1.00 31.94 ? 91   ILE A CD1 1 
ATOM   17  N N   . LYS A 1 3  ? -0.186  -0.927  12.822  1.00 17.43 ? 92   LYS A N   1 
ATOM   18  C CA  . LYS A 1 3  ? 1.253   -0.948  12.595  1.00 17.99 ? 92   LYS A CA  1 
ATOM   19  C C   . LYS A 1 3  ? 1.782   0.469   12.441  1.00 21.39 ? 92   LYS A C   1 
ATOM   20  O O   . LYS A 1 3  ? 1.039   1.382   12.078  1.00 26.61 ? 92   LYS A O   1 
ATOM   21  C CB  . LYS A 1 3  ? 1.591   -1.746  11.337  1.00 15.09 ? 92   LYS A CB  1 
ATOM   22  C CG  . LYS A 1 3  ? 1.469   -3.247  11.495  1.00 16.28 ? 92   LYS A CG  1 
ATOM   23  C CD  . LYS A 1 3  ? 1.959   -3.947  10.243  1.00 14.13 ? 92   LYS A CD  1 
ATOM   24  C CE  . LYS A 1 3  ? 1.958   -5.452  10.415  1.00 14.86 ? 92   LYS A CE  1 
ATOM   25  N NZ  . LYS A 1 3  ? 2.475   -6.129  9.199   1.00 15.46 ? 92   LYS A NZ  1 
ATOM   26  N N   . GLY A 1 4  ? 3.067   0.643   12.724  1.00 22.48 ? 93   GLY A N   1 
ATOM   27  C CA  . GLY A 1 4  ? 3.685   1.948   12.600  1.00 24.55 ? 93   GLY A CA  1 
ATOM   28  C C   . GLY A 1 4  ? 4.621   1.973   11.408  1.00 19.28 ? 93   GLY A C   1 
ATOM   29  O O   . GLY A 1 4  ? 4.166   2.017   10.265  1.00 20.46 ? 93   GLY A O   1 
ATOM   30  N N   . PRO A 1 5  ? 5.941   1.940   11.642  1.00 19.13 ? 94   PRO A N   1 
ATOM   31  C CA  . PRO A 1 5  ? 6.927   1.960   10.558  1.00 19.83 ? 94   PRO A CA  1 
ATOM   32  C C   . PRO A 1 5  ? 6.734   0.805   9.580   1.00 14.62 ? 94   PRO A C   1 
ATOM   33  O O   . PRO A 1 5  ? 6.341   -0.294  9.969   1.00 16.42 ? 94   PRO A O   1 
ATOM   34  C CB  . PRO A 1 5  ? 8.257   1.858   11.301  1.00 23.04 ? 94   PRO A CB  1 
ATOM   35  C CG  . PRO A 1 5  ? 7.962   2.517   12.611  1.00 28.22 ? 94   PRO A CG  1 
ATOM   36  C CD  . PRO A 1 5  ? 6.611   1.949   12.955  1.00 22.97 ? 94   PRO A CD  1 
ATOM   37  N N   . TRP A 1 6  ? 7.008   1.069   8.308   1.00 12.37 ? 95   TRP A N   1 
ATOM   38  C CA  . TRP A 1 6  ? 6.885   0.056   7.267   1.00 10.23 ? 95   TRP A CA  1 
ATOM   39  C C   . TRP A 1 6  ? 8.154   -0.776  7.171   1.00 11.15 ? 95   TRP A C   1 
ATOM   40  O O   . TRP A 1 6  ? 9.262   -0.245  7.258   1.00 15.65 ? 95   TRP A O   1 
ATOM   41  C CB  . TRP A 1 6  ? 6.640   0.715   5.908   1.00 11.14 ? 95   TRP A CB  1 
ATOM   42  C CG  . TRP A 1 6  ? 5.267   1.260   5.741   1.00 10.20 ? 95   TRP A CG  1 
ATOM   43  C CD1 . TRP A 1 6  ? 4.745   2.372   6.332   1.00 14.04 ? 95   TRP A CD1 1 
ATOM   44  C CD2 . TRP A 1 6  ? 4.221   0.696   4.947   1.00 9.29  ? 95   TRP A CD2 1 
ATOM   45  N NE1 . TRP A 1 6  ? 3.435   2.536   5.958   1.00 11.74 ? 95   TRP A NE1 1 
ATOM   46  C CE2 . TRP A 1 6  ? 3.085   1.520   5.106   1.00 10.68 ? 95   TRP A CE2 1 
ATOM   47  C CE3 . TRP A 1 6  ? 4.133   -0.429  4.117   1.00 10.44 ? 95   TRP A CE3 1 
ATOM   48  C CZ2 . TRP A 1 6  ? 1.871   1.254   4.465   1.00 10.93 ? 95   TRP A CZ2 1 
ATOM   49  C CZ3 . TRP A 1 6  ? 2.926   -0.693  3.478   1.00 11.08 ? 95   TRP A CZ3 1 
ATOM   50  C CH2 . TRP A 1 6  ? 1.811   0.147   3.657   1.00 10.62 ? 95   TRP A CH2 1 
ATOM   51  N N   . THR A 1 7  ? 7.989   -2.083  7.001   1.00 8.59  ? 96   THR A N   1 
ATOM   52  C CA  . THR A 1 7  ? 9.129   -2.978  6.844   1.00 9.70  ? 96   THR A CA  1 
ATOM   53  C C   . THR A 1 7  ? 9.386   -3.150  5.350   1.00 9.55  ? 96   THR A C   1 
ATOM   54  O O   . THR A 1 7  ? 8.520   -2.848  4.519   1.00 8.85  ? 96   THR A O   1 
ATOM   55  C CB  . THR A 1 7  ? 8.851   -4.367  7.434   1.00 9.66  ? 96   THR A CB  1 
ATOM   56  O OG1 . THR A 1 7  ? 7.753   -4.966  6.733   1.00 9.92  ? 96   THR A OG1 1 
ATOM   57  C CG2 . THR A 1 7  ? 8.521   -4.267  8.914   1.00 11.47 ? 96   THR A CG2 1 
ATOM   58  N N   . LYS A 1 8  ? 10.574  -3.632  5.010   1.00 8.82  ? 97   LYS A N   1 
ATOM   59  C CA  . LYS A 1 8  ? 10.931  -3.855  3.618   1.00 9.55  ? 97   LYS A CA  1 
ATOM   60  C C   . LYS A 1 8  ? 10.009  -4.904  3.004   1.00 8.72  ? 97   LYS A C   1 
ATOM   61  O O   . LYS A 1 8  ? 9.710   -4.853  1.810   1.00 9.87  ? 97   LYS A O   1 
ATOM   62  C CB  . LYS A 1 8  ? 12.387  -4.320  3.512   1.00 15.93 ? 97   LYS A CB  1 
ATOM   63  C CG  . LYS A 1 8  ? 13.390  -3.335  4.088   1.00 23.15 ? 97   LYS A CG  1 
ATOM   64  C CD  . LYS A 1 8  ? 14.799  -3.911  4.071   1.00 31.35 ? 97   LYS A CD  1 
ATOM   65  C CE  . LYS A 1 8  ? 15.795  -2.947  4.694   1.00 35.79 ? 97   LYS A CE  1 
ATOM   66  N NZ  . LYS A 1 8  ? 17.173  -3.508  4.707   1.00 37.96 ? 97   LYS A NZ  1 
ATOM   67  N N   . GLU A 1 9  ? 9.557   -5.855  3.819   1.00 9.30  ? 98   GLU A N   1 
ATOM   68  C CA  . GLU A 1 9  ? 8.666   -6.899  3.330   1.00 9.32  ? 98   GLU A CA  1 
ATOM   69  C C   . GLU A 1 9  ? 7.315   -6.298  2.948   1.00 7.68  ? 98   GLU A C   1 
ATOM   70  O O   . GLU A 1 9  ? 6.731   -6.665  1.926   1.00 8.58  ? 98   GLU A O   1 
ATOM   71  C CB  . GLU A 1 9  ? 8.486   -7.999  4.388   1.00 9.16  ? 98   GLU A CB  1 
ATOM   72  C CG  . GLU A 1 9  ? 9.749   -8.824  4.654   1.00 12.35 ? 98   GLU A CG  1 
ATOM   73  C CD  . GLU A 1 9  ? 10.765  -8.111  5.533   1.00 11.55 ? 98   GLU A CD  1 
ATOM   74  O OE1 . GLU A 1 9  ? 11.954  -8.499  5.495   1.00 19.67 ? 98   GLU A OE1 1 
ATOM   75  O OE2 . GLU A 1 9  ? 10.388  -7.180  6.273   1.00 11.04 ? 98   GLU A OE2 1 
ATOM   76  N N   . GLU A 1 10 ? 6.820   -5.374  3.768   1.00 7.42  ? 99   GLU A N   1 
ATOM   77  C CA  . GLU A 1 10 ? 5.550   -4.721  3.475   1.00 6.73  ? 99   GLU A CA  1 
ATOM   78  C C   . GLU A 1 10 ? 5.657   -3.888  2.207   1.00 6.60  ? 99   GLU A C   1 
ATOM   79  O O   . GLU A 1 10 ? 4.749   -3.893  1.380   1.00 7.68  ? 99   GLU A O   1 
ATOM   80  C CB  . GLU A 1 10 ? 5.133   -3.800  4.615   1.00 9.01  ? 99   GLU A CB  1 
ATOM   81  C CG  . GLU A 1 10 ? 4.542   -4.490  5.814   1.00 10.96 ? 99   GLU A CG  1 
ATOM   82  C CD  . GLU A 1 10 ? 4.028   -3.487  6.818   1.00 12.35 ? 99   GLU A CD  1 
ATOM   83  O OE1 . GLU A 1 10 ? 4.855   -2.777  7.424   1.00 12.58 ? 99   GLU A OE1 1 
ATOM   84  O OE2 . GLU A 1 10 ? 2.795   -3.395  6.985   1.00 13.52 ? 99   GLU A OE2 1 
ATOM   85  N N   . ASP A 1 11 ? 6.754   -3.154  2.064   1.00 6.22  ? 100  ASP A N   1 
ATOM   86  C CA  . ASP A 1 11 ? 6.949   -2.324  0.879   1.00 6.80  ? 100  ASP A CA  1 
ATOM   87  C C   . ASP A 1 11 ? 6.932   -3.184  -0.379  1.00 8.22  ? 100  ASP A C   1 
ATOM   88  O O   . ASP A 1 11 ? 6.327   -2.812  -1.388  1.00 8.86  ? 100  ASP A O   1 
ATOM   89  C CB  . ASP A 1 11 ? 8.283   -1.565  0.948   1.00 7.30  ? 100  ASP A CB  1 
ATOM   90  C CG  . ASP A 1 11 ? 8.235   -0.355  1.866   1.00 11.02 ? 100  ASP A CG  1 
ATOM   91  O OD1 . ASP A 1 11 ? 7.136   0.174   2.131   1.00 10.50 ? 100  ASP A OD1 1 
ATOM   92  O OD2 . ASP A 1 11 ? 9.319   0.085   2.310   1.00 13.85 ? 100  ASP A OD2 1 
ATOM   93  N N   . GLN A 1 12 ? 7.593   -4.336  -0.329  1.00 6.80  ? 101  GLN A N   1 
ATOM   94  C CA  . GLN A 1 12 ? 7.625   -5.214  -1.487  1.00 7.23  ? 101  GLN A CA  1 
ATOM   95  C C   . GLN A 1 12 ? 6.227   -5.732  -1.810  1.00 7.01  ? 101  GLN A C   1 
ATOM   96  O O   . GLN A 1 12 ? 5.838   -5.798  -2.976  1.00 8.37  ? 101  GLN A O   1 
ATOM   97  C CB  . GLN A 1 12 ? 8.577   -6.387  -1.249  1.00 8.44  ? 101  GLN A CB  1 
ATOM   98  C CG  . GLN A 1 12 ? 8.790   -7.245  -2.486  1.00 10.01 ? 101  GLN A CG  1 
ATOM   99  C CD  . GLN A 1 12 ? 9.429   -6.473  -3.626  1.00 13.13 ? 101  GLN A CD  1 
ATOM   100 O OE1 . GLN A 1 12 ? 10.602  -6.104  -3.563  1.00 17.06 ? 101  GLN A OE1 1 
ATOM   101 N NE2 . GLN A 1 12 ? 8.654   -6.216  -4.673  1.00 14.61 ? 101  GLN A NE2 1 
ATOM   102 N N   . ARG A 1 13 ? 5.468   -6.105  -0.784  1.00 6.57  ? 102  ARG A N   1 
ATOM   103 C CA  . ARG A 1 13 ? 4.109   -6.589  -1.007  1.00 7.05  ? 102  ARG A CA  1 
ATOM   104 C C   . ARG A 1 13 ? 3.229   -5.482  -1.586  1.00 6.88  ? 102  ARG A C   1 
ATOM   105 O O   . ARG A 1 13 ? 2.410   -5.734  -2.473  1.00 7.69  ? 102  ARG A O   1 
ATOM   106 C CB  . ARG A 1 13 ? 3.496   -7.105  0.299   1.00 9.07  ? 102  ARG A CB  1 
ATOM   107 C CG  A ARG A 1 13 ? 4.197   -8.328  0.874   0.50 14.39 ? 102  ARG A CG  1 
ATOM   108 C CG  B ARG A 1 13 ? 4.125   -8.386  0.822   0.50 13.58 ? 102  ARG A CG  1 
ATOM   109 C CD  A ARG A 1 13 ? 3.673   -8.664  2.265   0.50 18.14 ? 102  ARG A CD  1 
ATOM   110 C CD  B ARG A 1 13 ? 3.255   -9.001  1.905   0.50 16.34 ? 102  ARG A CD  1 
ATOM   111 N NE  A ARG A 1 13 ? 2.253   -9.011  2.262   0.50 20.72 ? 102  ARG A NE  1 
ATOM   112 N NE  B ARG A 1 13 ? 1.948   -9.386  1.379   0.50 23.99 ? 102  ARG A NE  1 
ATOM   113 C CZ  A ARG A 1 13 ? 1.758   -10.140 1.765   0.50 23.45 ? 102  ARG A CZ  1 
ATOM   114 C CZ  B ARG A 1 13 ? 0.925   -9.787  2.127   0.50 24.56 ? 102  ARG A CZ  1 
ATOM   115 N NH1 A ARG A 1 13 ? 2.565   -11.044 1.229   0.50 23.60 ? 102  ARG A NH1 1 
ATOM   116 N NH1 B ARG A 1 13 ? 1.050   -9.855  3.445   0.50 28.42 ? 102  ARG A NH1 1 
ATOM   117 N NH2 A ARG A 1 13 ? 0.451   -10.365 1.803   0.50 24.80 ? 102  ARG A NH2 1 
ATOM   118 N NH2 B ARG A 1 13 ? -0.223  -10.124 1.556   0.50 26.52 ? 102  ARG A NH2 1 
ATOM   119 N N   . LEU A 1 14 ? 3.401   -4.256  -1.099  1.00 7.63  ? 103  LEU A N   1 
ATOM   120 C CA  . LEU A 1 14 ? 2.606   -3.141  -1.597  1.00 6.36  ? 103  LEU A CA  1 
ATOM   121 C C   . LEU A 1 14 ? 2.894   -2.912  -3.076  1.00 7.42  ? 103  LEU A C   1 
ATOM   122 O O   . LEU A 1 14 ? 1.981   -2.643  -3.853  1.00 7.05  ? 103  LEU A O   1 
ATOM   123 C CB  . LEU A 1 14 ? 2.896   -1.874  -0.789  1.00 7.52  ? 103  LEU A CB  1 
ATOM   124 C CG  . LEU A 1 14 ? 2.116   -0.619  -1.198  1.00 6.74  ? 103  LEU A CG  1 
ATOM   125 C CD1 . LEU A 1 14 ? 0.622   -0.888  -1.154  1.00 10.49 ? 103  LEU A CD1 1 
ATOM   126 C CD2 . LEU A 1 14 ? 2.483   0.527   -0.270  1.00 10.30 ? 103  LEU A CD2 1 
ATOM   127 N N   . ILE A 1 15 ? 4.156   -3.023  -3.471  1.00 6.22  ? 104  ILE A N   1 
ATOM   128 C CA  . ILE A 1 15 ? 4.523   -2.848  -4.872  1.00 7.39  ? 104  ILE A CA  1 
ATOM   129 C C   . ILE A 1 15 ? 3.762   -3.862  -5.731  1.00 7.78  ? 104  ILE A C   1 
ATOM   130 O O   . ILE A 1 15 ? 3.188   -3.506  -6.762  1.00 8.40  ? 104  ILE A O   1 
ATOM   131 C CB  . ILE A 1 15 ? 6.048   -3.031  -5.070  1.00 8.30  ? 104  ILE A CB  1 
ATOM   132 C CG1 . ILE A 1 15 ? 6.779   -1.803  -4.525  1.00 11.34 ? 104  ILE A CG1 1 
ATOM   133 C CG2 . ILE A 1 15 ? 6.377   -3.245  -6.547  1.00 12.35 ? 104  ILE A CG2 1 
ATOM   134 C CD1 . ILE A 1 15 ? 8.291   -1.940  -4.506  1.00 13.72 ? 104  ILE A CD1 1 
ATOM   135 N N   . LYS A 1 16 ? 3.742   -5.119  -5.296  1.00 6.87  ? 105  LYS A N   1 
ATOM   136 C CA  . LYS A 1 16 ? 3.036   -6.163  -6.033  1.00 8.50  ? 105  LYS A CA  1 
ATOM   137 C C   . LYS A 1 16 ? 1.524   -5.940  -6.065  1.00 7.52  ? 105  LYS A C   1 
ATOM   138 O O   . LYS A 1 16 ? 0.876   -6.196  -7.082  1.00 8.26  ? 105  LYS A O   1 
ATOM   139 C CB  . LYS A 1 16 ? 3.346   -7.535  -5.432  1.00 12.17 ? 105  LYS A CB  1 
ATOM   140 C CG  A LYS A 1 16 ? 4.783   -7.979  -5.641  0.50 15.93 ? 105  LYS A CG  1 
ATOM   141 C CG  B LYS A 1 16 ? 4.788   -7.980  -5.608  0.50 18.50 ? 105  LYS A CG  1 
ATOM   142 C CD  A LYS A 1 16 ? 5.018   -9.374  -5.089  0.50 18.65 ? 105  LYS A CD  1 
ATOM   143 C CD  B LYS A 1 16 ? 5.131   -8.164  -7.078  0.50 24.71 ? 105  LYS A CD  1 
ATOM   144 C CE  A LYS A 1 16 ? 6.416   -9.867  -5.424  0.50 23.39 ? 105  LYS A CE  1 
ATOM   145 C CE  B LYS A 1 16 ? 6.541   -8.704  -7.256  0.50 28.91 ? 105  LYS A CE  1 
ATOM   146 N NZ  A LYS A 1 16 ? 6.636   -9.940  -6.896  0.50 25.60 ? 105  LYS A NZ  1 
ATOM   147 N NZ  B LYS A 1 16 ? 6.872   -8.920  -8.692  0.50 32.76 ? 105  LYS A NZ  1 
ATOM   148 N N   . LEU A 1 17 ? 0.961   -5.463  -4.960  1.00 6.38  ? 106  LEU A N   1 
ATOM   149 C CA  . LEU A 1 17 ? -0.476  -5.219  -4.906  1.00 6.31  ? 106  LEU A CA  1 
ATOM   150 C C   . LEU A 1 17 ? -0.888  -4.059  -5.812  1.00 8.09  ? 106  LEU A C   1 
ATOM   151 O O   . LEU A 1 17 ? -1.948  -4.098  -6.434  1.00 8.71  ? 106  LEU A O   1 
ATOM   152 C CB  . LEU A 1 17 ? -0.915  -4.971  -3.460  1.00 8.27  ? 106  LEU A CB  1 
ATOM   153 C CG  . LEU A 1 17 ? -0.902  -6.247  -2.611  1.00 8.97  ? 106  LEU A CG  1 
ATOM   154 C CD1 . LEU A 1 17 ? -0.931  -5.894  -1.131  1.00 10.85 ? 106  LEU A CD1 1 
ATOM   155 C CD2 . LEU A 1 17 ? -2.090  -7.125  -2.988  1.00 12.09 ? 106  LEU A CD2 1 
ATOM   156 N N   . VAL A 1 18 ? -0.056  -3.030  -5.902  1.00 6.94  ? 107  VAL A N   1 
ATOM   157 C CA  . VAL A 1 18 ? -0.374  -1.908  -6.774  1.00 8.54  ? 107  VAL A CA  1 
ATOM   158 C C   . VAL A 1 18 ? -0.267  -2.368  -8.229  1.00 9.66  ? 107  VAL A C   1 
ATOM   159 O O   . VAL A 1 18 ? -1.020  -1.916  -9.092  1.00 9.00  ? 107  VAL A O   1 
ATOM   160 C CB  . VAL A 1 18 ? 0.559   -0.707  -6.499  1.00 8.00  ? 107  VAL A CB  1 
ATOM   161 C CG1 . VAL A 1 18 ? 0.354   0.379   -7.554  1.00 12.02 ? 107  VAL A CG1 1 
ATOM   162 C CG2 . VAL A 1 18 ? 0.258   -0.143  -5.115  1.00 9.11  ? 107  VAL A CG2 1 
ATOM   163 N N   . GLN A 1 19 ? 0.659   -3.278  -8.505  1.00 8.38  ? 108  GLN A N   1 
ATOM   164 C CA  . GLN A 1 19 ? 0.803   -3.801  -9.860  1.00 9.35  ? 108  GLN A CA  1 
ATOM   165 C C   . GLN A 1 19 ? -0.475  -4.551  -10.239 1.00 9.25  ? 108  GLN A C   1 
ATOM   166 O O   . GLN A 1 19 ? -0.964  -4.443  -11.367 1.00 11.47 ? 108  GLN A O   1 
ATOM   167 C CB  . GLN A 1 19 ? 2.009   -4.743  -9.939  1.00 11.47 ? 108  GLN A CB  1 
ATOM   168 C CG  A GLN A 1 19 ? 3.348   -4.043  -9.764  0.50 15.77 ? 108  GLN A CG  1 
ATOM   169 C CG  B GLN A 1 19 ? 2.315   -5.242  -11.342 0.50 15.93 ? 108  GLN A CG  1 
ATOM   170 C CD  A GLN A 1 19 ? 4.527   -5.000  -9.808  0.50 18.47 ? 108  GLN A CD  1 
ATOM   171 C CD  B GLN A 1 19 ? 3.594   -6.051  -11.402 0.50 20.59 ? 108  GLN A CD  1 
ATOM   172 O OE1 A GLN A 1 19 ? 5.680   -4.583  -9.712  0.50 25.01 ? 108  GLN A OE1 1 
ATOM   173 O OE1 B GLN A 1 19 ? 4.647   -5.599  -10.952 0.50 25.30 ? 108  GLN A OE1 1 
ATOM   174 N NE2 A GLN A 1 19 ? 4.242   -6.289  -9.950  0.50 21.66 ? 108  GLN A NE2 1 
ATOM   175 N NE2 B GLN A 1 19 ? 3.512   -7.251  -11.965 0.50 27.77 ? 108  GLN A NE2 1 
ATOM   176 N N   . LYS A 1 20 ? -1.029  -5.294  -9.290  1.00 7.10  ? 109  LYS A N   1 
ATOM   177 C CA  . LYS A 1 20 ? -2.242  -6.056  -9.545  1.00 7.62  ? 109  LYS A CA  1 
ATOM   178 C C   . LYS A 1 20 ? -3.510  -5.219  -9.649  1.00 8.05  ? 109  LYS A C   1 
ATOM   179 O O   . LYS A 1 20 ? -4.280  -5.360  -10.598 1.00 8.44  ? 109  LYS A O   1 
ATOM   180 C CB  . LYS A 1 20 ? -2.451  -7.105  -8.448  1.00 7.55  ? 109  LYS A CB  1 
ATOM   181 C CG  . LYS A 1 20 ? -3.772  -7.855  -8.563  1.00 10.23 ? 109  LYS A CG  1 
ATOM   182 C CD  . LYS A 1 20 ? -3.870  -8.983  -7.552  1.00 12.36 ? 109  LYS A CD  1 
ATOM   183 C CE  . LYS A 1 20 ? -5.188  -9.724  -7.689  1.00 13.00 ? 109  LYS A CE  1 
ATOM   184 N NZ  . LYS A 1 20 ? -5.263  -10.892 -6.765  1.00 18.39 ? 109  LYS A NZ  1 
ATOM   185 N N   . TYR A 1 21 ? -3.713  -4.342  -8.672  1.00 7.16  ? 110  TYR A N   1 
ATOM   186 C CA  . TYR A 1 21 ? -4.924  -3.531  -8.583  1.00 6.77  ? 110  TYR A CA  1 
ATOM   187 C C   . TYR A 1 21 ? -4.884  -2.099  -9.099  1.00 8.25  ? 110  TYR A C   1 
ATOM   188 O O   . TYR A 1 21 ? -5.933  -1.504  -9.336  1.00 10.59 ? 110  TYR A O   1 
ATOM   189 C CB  . TYR A 1 21 ? -5.387  -3.491  -7.125  1.00 8.35  ? 110  TYR A CB  1 
ATOM   190 C CG  . TYR A 1 21 ? -5.823  -4.824  -6.568  1.00 7.52  ? 110  TYR A CG  1 
ATOM   191 C CD1 . TYR A 1 21 ? -7.023  -5.410  -6.972  1.00 8.83  ? 110  TYR A CD1 1 
ATOM   192 C CD2 . TYR A 1 21 ? -5.051  -5.492  -5.621  1.00 10.06 ? 110  TYR A CD2 1 
ATOM   193 C CE1 . TYR A 1 21 ? -7.445  -6.626  -6.440  1.00 10.10 ? 110  TYR A CE1 1 
ATOM   194 C CE2 . TYR A 1 21 ? -5.464  -6.712  -5.082  1.00 9.90  ? 110  TYR A CE2 1 
ATOM   195 C CZ  . TYR A 1 21 ? -6.664  -7.269  -5.496  1.00 9.64  ? 110  TYR A CZ  1 
ATOM   196 O OH  . TYR A 1 21 ? -7.086  -8.460  -4.948  1.00 13.76 ? 110  TYR A OH  1 
ATOM   197 N N   . GLY A 1 22 ? -3.692  -1.544  -9.260  1.00 7.79  ? 111  GLY A N   1 
ATOM   198 C CA  A GLY A 1 22 ? -3.618  -0.162  -9.699  0.50 5.72  ? 111  GLY A CA  1 
ATOM   199 C CA  B GLY A 1 22 ? -3.542  -0.188  -9.750  0.50 11.82 ? 111  GLY A CA  1 
ATOM   200 C C   A GLY A 1 22 ? -3.636  0.751   -8.480  0.50 6.76  ? 111  GLY A C   1 
ATOM   201 C C   B GLY A 1 22 ? -3.262  0.776   -8.617  0.50 14.29 ? 111  GLY A C   1 
ATOM   202 O O   A GLY A 1 22 ? -3.969  0.303   -7.382  0.50 8.22  ? 111  GLY A O   1 
ATOM   203 O O   B GLY A 1 22 ? -3.583  0.477   -7.466  0.50 17.36 ? 111  GLY A O   1 
ATOM   204 N N   A PRO A 1 23 ? -3.305  2.041   -8.638  0.50 3.09  ? 112  PRO A N   1 
ATOM   205 N N   B PRO A 1 23 ? -2.643  1.933   -8.904  0.50 15.25 ? 112  PRO A N   1 
ATOM   206 C CA  A PRO A 1 23 ? -3.269  3.022   -7.549  0.50 5.82  ? 112  PRO A CA  1 
ATOM   207 C CA  B PRO A 1 23 ? -2.340  2.927   -7.869  0.50 15.44 ? 112  PRO A CA  1 
ATOM   208 C C   A PRO A 1 23 ? -4.568  3.734   -7.171  0.50 6.73  ? 112  PRO A C   1 
ATOM   209 C C   B PRO A 1 23 ? -3.651  3.538   -7.391  0.50 15.04 ? 112  PRO A C   1 
ATOM   210 O O   A PRO A 1 23 ? -4.543  4.907   -6.799  0.50 10.00 ? 112  PRO A O   1 
ATOM   211 O O   B PRO A 1 23 ? -3.847  4.753   -7.419  0.50 14.61 ? 112  PRO A O   1 
ATOM   212 C CB  A PRO A 1 23 ? -2.212  4.003   -8.029  0.50 8.38  ? 112  PRO A CB  1 
ATOM   213 C CB  B PRO A 1 23 ? -1.454  3.925   -8.606  0.50 14.09 ? 112  PRO A CB  1 
ATOM   214 C CG  A PRO A 1 23 ? -2.520  4.076   -9.488  0.50 7.59  ? 112  PRO A CG  1 
ATOM   215 C CG  B PRO A 1 23 ? -1.993  3.875   -9.998  0.50 15.66 ? 112  PRO A CG  1 
ATOM   216 C CD  A PRO A 1 23 ? -2.730  2.616   -9.870  0.50 6.98  ? 112  PRO A CD  1 
ATOM   217 C CD  B PRO A 1 23 ? -2.175  2.392   -10.222 0.50 14.91 ? 112  PRO A CD  1 
ATOM   218 N N   A LYS A 1 24 ? -5.699  3.040   -7.248  0.50 10.13 ? 113  LYS A N   1 
ATOM   219 N N   B LYS A 1 24 ? -4.550  2.660   -6.967  0.50 14.73 ? 113  LYS A N   1 
ATOM   220 C CA  A LYS A 1 24 ? -6.972  3.659   -6.890  0.50 12.33 ? 113  LYS A CA  1 
ATOM   221 C CA  B LYS A 1 24 ? -5.863  3.040   -6.484  0.50 18.67 ? 113  LYS A CA  1 
ATOM   222 C C   A LYS A 1 24 ? -7.846  2.776   -6.003  0.50 12.97 ? 113  LYS A C   1 
ATOM   223 C C   B LYS A 1 24 ? -6.395  1.830   -5.724  0.50 16.49 ? 113  LYS A C   1 
ATOM   224 O O   A LYS A 1 24 ? -8.834  3.240   -5.439  0.50 16.80 ? 113  LYS A O   1 
ATOM   225 O O   B LYS A 1 24 ? -5.615  1.070   -5.149  0.50 21.11 ? 113  LYS A O   1 
ATOM   226 C CB  A LYS A 1 24 ? -7.753  4.040   -8.153  0.50 16.08 ? 113  LYS A CB  1 
ATOM   227 C CB  B LYS A 1 24 ? -6.779  3.384   -7.662  0.50 17.46 ? 113  LYS A CB  1 
ATOM   228 C CG  A LYS A 1 24 ? -7.094  5.125   -8.993  0.50 20.97 ? 113  LYS A CG  1 
ATOM   229 C CG  B LYS A 1 24 ? -8.139  3.941   -7.269  0.50 25.91 ? 113  LYS A CG  1 
ATOM   230 C CD  A LYS A 1 24 ? -7.972  5.548   -10.166 0.50 24.54 ? 113  LYS A CD  1 
ATOM   231 C CD  B LYS A 1 24 ? -9.053  4.067   -8.477  0.50 26.00 ? 113  LYS A CD  1 
ATOM   232 C CE  A LYS A 1 24 ? -9.225  6.289   -9.709  0.50 23.21 ? 113  LYS A CE  1 
ATOM   233 C CE  B LYS A 1 24 ? -8.529  5.083   -9.477  0.50 28.46 ? 113  LYS A CE  1 
ATOM   234 N NZ  A LYS A 1 24 ? -10.163 5.441   -8.921  0.50 28.85 ? 113  LYS A NZ  1 
ATOM   235 N NZ  B LYS A 1 24 ? -8.533  6.459   -8.911  0.50 27.51 ? 113  LYS A NZ  1 
ATOM   236 N N   A ARG A 1 25 ? -7.471  1.508   -5.872  0.50 9.30  ? 114  ARG A N   1 
ATOM   237 N N   B ARG A 1 25 ? -7.708  1.634   -5.743  0.50 16.12 ? 114  ARG A N   1 
ATOM   238 C CA  A ARG A 1 25 ? -8.236  0.548   -5.075  0.50 8.83  ? 114  ARG A CA  1 
ATOM   239 C CA  B ARG A 1 25 ? -8.324  0.532   -5.022  0.50 10.83 ? 114  ARG A CA  1 
ATOM   240 C C   . ARG A 1 25 ? -7.577  0.299   -3.717  1.00 9.50  ? 114  ARG A C   1 
ATOM   241 O O   . ARG A 1 25 ? -7.299  -0.838  -3.343  1.00 11.00 ? 114  ARG A O   1 
ATOM   242 C CB  . ARG A 1 25 ? -8.332  -0.758  -5.857  1.00 11.12 ? 114  ARG A CB  1 
ATOM   243 C CG  . ARG A 1 25 ? -9.076  -0.621  -7.177  1.00 11.79 ? 114  ARG A CG  1 
ATOM   244 C CD  . ARG A 1 25 ? -9.232  -1.952  -7.902  1.00 10.41 ? 114  ARG A CD  1 
ATOM   245 N NE  . ARG A 1 25 ? -10.115 -1.791  -9.054  1.00 12.04 ? 114  ARG A NE  1 
ATOM   246 C CZ  . ARG A 1 25 ? -9.731  -1.344  -10.246 1.00 12.53 ? 114  ARG A CZ  1 
ATOM   247 N NH1 . ARG A 1 25 ? -8.464  -1.025  -10.468 1.00 12.05 ? 114  ARG A NH1 1 
ATOM   248 N NH2 . ARG A 1 25 ? -10.628 -1.177  -11.208 1.00 13.49 ? 114  ARG A NH2 1 
ATOM   249 N N   . TRP A 1 26 ? -7.306  1.385   -2.999  1.00 10.15 ? 115  TRP A N   1 
ATOM   250 C CA  . TRP A 1 26 ? -6.616  1.299   -1.720  1.00 7.62  ? 115  TRP A CA  1 
ATOM   251 C C   . TRP A 1 26 ? -7.270  0.420   -0.667  1.00 8.92  ? 115  TRP A C   1 
ATOM   252 O O   . TRP A 1 26 ? -6.571  -0.243  0.095   1.00 9.52  ? 115  TRP A O   1 
ATOM   253 C CB  . TRP A 1 26 ? -6.386  2.707   -1.167  1.00 8.36  ? 115  TRP A CB  1 
ATOM   254 C CG  . TRP A 1 26 ? -5.609  3.559   -2.119  1.00 8.29  ? 115  TRP A CG  1 
ATOM   255 C CD1 . TRP A 1 26 ? -6.038  4.694   -2.744  1.00 9.78  ? 115  TRP A CD1 1 
ATOM   256 C CD2 . TRP A 1 26 ? -4.278  3.320   -2.594  1.00 7.35  ? 115  TRP A CD2 1 
ATOM   257 N NE1 . TRP A 1 26 ? -5.061  5.174   -3.579  1.00 9.95  ? 115  TRP A NE1 1 
ATOM   258 C CE2 . TRP A 1 26 ? -3.968  4.351   -3.509  1.00 9.10  ? 115  TRP A CE2 1 
ATOM   259 C CE3 . TRP A 1 26 ? -3.316  2.332   -2.338  1.00 8.00  ? 115  TRP A CE3 1 
ATOM   260 C CZ2 . TRP A 1 26 ? -2.735  4.425   -4.172  1.00 8.32  ? 115  TRP A CZ2 1 
ATOM   261 C CZ3 . TRP A 1 26 ? -2.086  2.406   -2.997  1.00 9.15  ? 115  TRP A CZ3 1 
ATOM   262 C CH2 . TRP A 1 26 ? -1.810  3.445   -3.903  1.00 8.80  ? 115  TRP A CH2 1 
ATOM   263 N N   . SER A 1 27 ? -8.598  0.406   -0.618  1.00 11.42 ? 116  SER A N   1 
ATOM   264 C CA  . SER A 1 27 ? -9.297  -0.419  0.362   1.00 11.91 ? 116  SER A CA  1 
ATOM   265 C C   . SER A 1 27 ? -9.058  -1.906  0.105   1.00 11.06 ? 116  SER A C   1 
ATOM   266 O O   . SER A 1 27 ? -8.851  -2.681  1.039   1.00 13.72 ? 116  SER A O   1 
ATOM   267 C CB  . SER A 1 27 ? -10.800 -0.122  0.336   1.00 18.67 ? 116  SER A CB  1 
ATOM   268 O OG  A SER A 1 27 ? -11.056 1.219   0.713   0.50 19.87 ? 116  SER A OG  1 
ATOM   269 O OG  B SER A 1 27 ? -11.343 -0.357  -0.950  0.50 20.54 ? 116  SER A OG  1 
ATOM   270 N N   . VAL A 1 28 ? -9.079  -2.299  -1.164  1.00 10.93 ? 117  VAL A N   1 
ATOM   271 C CA  . VAL A 1 28 ? -8.859  -3.692  -1.538  1.00 12.60 ? 117  VAL A CA  1 
ATOM   272 C C   . VAL A 1 28 ? -7.403  -4.071  -1.263  1.00 10.61 ? 117  VAL A C   1 
ATOM   273 O O   . VAL A 1 28 ? -7.112  -5.154  -0.759  1.00 13.69 ? 117  VAL A O   1 
ATOM   274 C CB  . VAL A 1 28 ? -9.167  -3.922  -3.032  1.00 17.41 ? 117  VAL A CB  1 
ATOM   275 C CG1 . VAL A 1 28 ? -9.020  -5.395  -3.376  1.00 19.02 ? 117  VAL A CG1 1 
ATOM   276 C CG2 . VAL A 1 28 ? -10.571 -3.439  -3.350  1.00 20.70 ? 117  VAL A CG2 1 
ATOM   277 N N   . ILE A 1 29 ? -6.491  -3.165  -1.599  1.00 9.74  ? 118  ILE A N   1 
ATOM   278 C CA  . ILE A 1 29 ? -5.070  -3.395  -1.374  1.00 9.39  ? 118  ILE A CA  1 
ATOM   279 C C   . ILE A 1 29 ? -4.781  -3.591  0.116   1.00 10.58 ? 118  ILE A C   1 
ATOM   280 O O   . ILE A 1 29 ? -4.080  -4.526  0.499   1.00 10.27 ? 118  ILE A O   1 
ATOM   281 C CB  . ILE A 1 29 ? -4.242  -2.212  -1.930  1.00 7.96  ? 118  ILE A CB  1 
ATOM   282 C CG1 . ILE A 1 29 ? -4.225  -2.286  -3.458  1.00 8.33  ? 118  ILE A CG1 1 
ATOM   283 C CG2 . ILE A 1 29 ? -2.821  -2.223  -1.357  1.00 7.97  ? 118  ILE A CG2 1 
ATOM   284 C CD1 . ILE A 1 29 ? -3.554  -1.105  -4.135  1.00 9.77  ? 118  ILE A CD1 1 
ATOM   285 N N   . ALA A 1 30 ? -5.347  -2.726  0.955   1.00 9.32  ? 119  ALA A N   1 
ATOM   286 C CA  . ALA A 1 30 ? -5.129  -2.803  2.398   1.00 11.46 ? 119  ALA A CA  1 
ATOM   287 C C   . ALA A 1 30 ? -5.622  -4.106  3.018   1.00 12.12 ? 119  ALA A C   1 
ATOM   288 O O   . ALA A 1 30 ? -5.098  -4.553  4.040   1.00 12.80 ? 119  ALA A O   1 
ATOM   289 C CB  . ALA A 1 30 ? -5.794  -1.617  3.086   1.00 12.46 ? 119  ALA A CB  1 
ATOM   290 N N   . LYS A 1 31 ? -6.628  -4.715  2.401   1.00 12.05 ? 120  LYS A N   1 
ATOM   291 C CA  . LYS A 1 31 ? -7.178  -5.965  2.913   1.00 14.97 ? 120  LYS A CA  1 
ATOM   292 C C   . LYS A 1 31 ? -6.120  -7.070  2.913   1.00 16.24 ? 120  LYS A C   1 
ATOM   293 O O   . LYS A 1 31 ? -6.230  -8.046  3.656   1.00 20.54 ? 120  LYS A O   1 
ATOM   294 C CB  . LYS A 1 31 ? -8.373  -6.387  2.057   1.00 23.47 ? 120  LYS A CB  1 
ATOM   295 C CG  . LYS A 1 31 ? -9.261  -7.447  2.681   1.00 30.51 ? 120  LYS A CG  1 
ATOM   296 C CD  . LYS A 1 31 ? -10.435 -7.782  1.769   1.00 35.98 ? 120  LYS A CD  1 
ATOM   297 C CE  . LYS A 1 31 ? -11.232 -6.536  1.396   1.00 39.28 ? 120  LYS A CE  1 
ATOM   298 N NZ  . LYS A 1 31 ? -11.763 -5.823  2.590   1.00 41.22 ? 120  LYS A NZ  1 
ATOM   299 N N   . HIS A 1 32 ? -5.093  -6.903  2.083   1.00 14.25 ? 121  HIS A N   1 
ATOM   300 C CA  . HIS A 1 32 ? -4.017  -7.881  1.962   1.00 17.22 ? 121  HIS A CA  1 
ATOM   301 C C   . HIS A 1 32 ? -2.789  -7.550  2.803   1.00 17.31 ? 121  HIS A C   1 
ATOM   302 O O   . HIS A 1 32 ? -1.791  -8.272  2.762   1.00 22.04 ? 121  HIS A O   1 
ATOM   303 C CB  . HIS A 1 32 ? -3.600  -8.003  0.494   1.00 18.78 ? 121  HIS A CB  1 
ATOM   304 C CG  . HIS A 1 32 ? -4.703  -8.460  -0.407  1.00 20.57 ? 121  HIS A CG  1 
ATOM   305 N ND1 . HIS A 1 32 ? -5.104  -9.776  -0.484  1.00 28.79 ? 121  HIS A ND1 1 
ATOM   306 C CD2 . HIS A 1 32 ? -5.511  -7.771  -1.246  1.00 23.00 ? 121  HIS A CD2 1 
ATOM   307 C CE1 . HIS A 1 32 ? -6.112  -9.878  -1.331  1.00 27.42 ? 121  HIS A CE1 1 
ATOM   308 N NE2 . HIS A 1 32 ? -6.379  -8.676  -1.807  1.00 29.41 ? 121  HIS A NE2 1 
ATOM   309 N N   . LEU A 1 33 ? -2.858  -6.457  3.557   1.00 14.20 ? 122  LEU A N   1 
ATOM   310 C CA  . LEU A 1 33 ? -1.749  -6.031  4.407   1.00 13.90 ? 122  LEU A CA  1 
ATOM   311 C C   . LEU A 1 33 ? -2.208  -5.904  5.853   1.00 14.59 ? 122  LEU A C   1 
ATOM   312 O O   . LEU A 1 33 ? -2.874  -4.938  6.221   1.00 18.75 ? 122  LEU A O   1 
ATOM   313 C CB  . LEU A 1 33 ? -1.192  -4.692  3.920   1.00 14.57 ? 122  LEU A CB  1 
ATOM   314 C CG  . LEU A 1 33 ? -0.514  -4.713  2.548   1.00 13.01 ? 122  LEU A CG  1 
ATOM   315 C CD1 . LEU A 1 33 ? -0.286  -3.293  2.059   1.00 17.05 ? 122  LEU A CD1 1 
ATOM   316 C CD2 . LEU A 1 33 ? 0.803   -5.467  2.641   1.00 18.61 ? 122  LEU A CD2 1 
ATOM   317 N N   . LYS A 1 34 ? -1.842  -6.887  6.666   1.00 14.34 ? 123  LYS A N   1 
ATOM   318 C CA  . LYS A 1 34 ? -2.212  -6.914  8.074   1.00 15.58 ? 123  LYS A CA  1 
ATOM   319 C C   . LYS A 1 34 ? -1.811  -5.628  8.794   1.00 13.50 ? 123  LYS A C   1 
ATOM   320 O O   . LYS A 1 34 ? -0.677  -5.169  8.671   1.00 15.53 ? 123  LYS A O   1 
ATOM   321 C CB  . LYS A 1 34 ? -1.534  -8.108  8.752   1.00 23.70 ? 123  LYS A CB  1 
ATOM   322 C CG  . LYS A 1 34 ? -2.116  -8.494  10.099  1.00 33.26 ? 123  LYS A CG  1 
ATOM   323 C CD  . LYS A 1 34 ? -3.478  -9.147  9.938   1.00 36.62 ? 123  LYS A CD  1 
ATOM   324 C CE  . LYS A 1 34 ? -4.012  -9.642  11.271  1.00 38.73 ? 123  LYS A CE  1 
ATOM   325 N NZ  . LYS A 1 34 ? -5.319  -10.339 11.121  1.00 42.39 ? 123  LYS A NZ  1 
ATOM   326 N N   . GLY A 1 35 ? -2.749  -5.044  9.535   1.00 13.32 ? 124  GLY A N   1 
ATOM   327 C CA  . GLY A 1 35 ? -2.455  -3.836  10.286  1.00 14.22 ? 124  GLY A CA  1 
ATOM   328 C C   . GLY A 1 35 ? -2.363  -2.534  9.510   1.00 13.53 ? 124  GLY A C   1 
ATOM   329 O O   . GLY A 1 35 ? -1.850  -1.544  10.030  1.00 15.33 ? 124  GLY A O   1 
ATOM   330 N N   . ARG A 1 36 ? -2.853  -2.529  8.275   1.00 13.31 ? 125  ARG A N   1 
ATOM   331 C CA  . ARG A 1 36 ? -2.823  -1.324  7.448   1.00 11.76 ? 125  ARG A CA  1 
ATOM   332 C C   . ARG A 1 36 ? -4.210  -0.963  6.937   1.00 10.57 ? 125  ARG A C   1 
ATOM   333 O O   . ARG A 1 36 ? -5.038  -1.842  6.696   1.00 14.01 ? 125  ARG A O   1 
ATOM   334 C CB  . ARG A 1 36 ? -1.911  -1.519  6.229   1.00 11.24 ? 125  ARG A CB  1 
ATOM   335 C CG  . ARG A 1 36 ? -0.452  -1.790  6.540   1.00 13.16 ? 125  ARG A CG  1 
ATOM   336 C CD  . ARG A 1 36 ? 0.202   -0.623  7.248   1.00 12.50 ? 125  ARG A CD  1 
ATOM   337 N NE  . ARG A 1 36 ? 1.592   -0.923  7.577   1.00 9.72  ? 125  ARG A NE  1 
ATOM   338 C CZ  . ARG A 1 36 ? 2.373   -0.142  8.314   1.00 10.61 ? 125  ARG A CZ  1 
ATOM   339 N NH1 . ARG A 1 36 ? 1.905   1.000   8.804   1.00 13.10 ? 125  ARG A NH1 1 
ATOM   340 N NH2 . ARG A 1 36 ? 3.618   -0.511  8.572   1.00 11.67 ? 125  ARG A NH2 1 
ATOM   341 N N   . ILE A 1 37 ? -4.460  0.334   6.778   1.00 11.28 ? 126  ILE A N   1 
ATOM   342 C CA  . ILE A 1 37 ? -5.730  0.797   6.234   1.00 11.53 ? 126  ILE A CA  1 
ATOM   343 C C   . ILE A 1 37 ? -5.419  1.438   4.883   1.00 10.06 ? 126  ILE A C   1 
ATOM   344 O O   . ILE A 1 37 ? -4.265  1.756   4.588   1.00 8.87  ? 126  ILE A O   1 
ATOM   345 C CB  . ILE A 1 37 ? -6.431  1.828   7.152   1.00 11.79 ? 126  ILE A CB  1 
ATOM   346 C CG1 . ILE A 1 37 ? -5.544  3.055   7.358   1.00 12.62 ? 126  ILE A CG1 1 
ATOM   347 C CG2 . ILE A 1 37 ? -6.782  1.175   8.480   1.00 17.34 ? 126  ILE A CG2 1 
ATOM   348 C CD1 . ILE A 1 37 ? -6.193  4.147   8.197   1.00 20.27 ? 126  ILE A CD1 1 
ATOM   349 N N   . GLY A 1 38 ? -6.452  1.619   4.069   1.00 9.99  ? 127  GLY A N   1 
ATOM   350 C CA  . GLY A 1 38 ? -6.272  2.189   2.747   1.00 9.53  ? 127  GLY A CA  1 
ATOM   351 C C   . GLY A 1 38 ? -5.438  3.452   2.640   1.00 8.72  ? 127  GLY A C   1 
ATOM   352 O O   . GLY A 1 38 ? -4.539  3.531   1.802   1.00 8.16  ? 127  GLY A O   1 
ATOM   353 N N   . LYS A 1 39 ? -5.719  4.450   3.475   1.00 9.25  ? 128  LYS A N   1 
ATOM   354 C CA  . LYS A 1 39 ? -4.971  5.697   3.395   1.00 10.28 ? 128  LYS A CA  1 
ATOM   355 C C   . LYS A 1 39 ? -3.481  5.538   3.673   1.00 8.68  ? 128  LYS A C   1 
ATOM   356 O O   . LYS A 1 39 ? -2.665  6.264   3.106   1.00 10.84 ? 128  LYS A O   1 
ATOM   357 C CB  . LYS A 1 39 ? -5.573  6.757   4.328   1.00 17.67 ? 128  LYS A CB  1 
ATOM   358 C CG  . LYS A 1 39 ? -5.511  6.434   5.805   1.00 23.17 ? 128  LYS A CG  1 
ATOM   359 C CD  . LYS A 1 39 ? -6.036  7.594   6.646   1.00 32.27 ? 128  LYS A CD  1 
ATOM   360 C CE  . LYS A 1 39 ? -7.498  7.889   6.346   1.00 34.40 ? 128  LYS A CE  1 
ATOM   361 N NZ  . LYS A 1 39 ? -8.019  9.027   7.157   1.00 38.47 ? 128  LYS A NZ  1 
ATOM   362 N N   . GLN A 1 40 ? -3.116  4.589   4.531   1.00 7.96  ? 129  GLN A N   1 
ATOM   363 C CA  . GLN A 1 40 ? -1.702  4.370   4.828   1.00 8.31  ? 129  GLN A CA  1 
ATOM   364 C C   . GLN A 1 40 ? -0.989  3.838   3.589   1.00 6.87  ? 129  GLN A C   1 
ATOM   365 O O   . GLN A 1 40 ? 0.144   4.218   3.297   1.00 8.56  ? 129  GLN A O   1 
ATOM   366 C CB  . GLN A 1 40 ? -1.534  3.372   5.973   1.00 9.40  ? 129  GLN A CB  1 
ATOM   367 C CG  . GLN A 1 40 ? -1.932  3.903   7.339   1.00 14.94 ? 129  GLN A CG  1 
ATOM   368 C CD  . GLN A 1 40 ? -1.761  2.857   8.417   1.00 14.80 ? 129  GLN A CD  1 
ATOM   369 O OE1 . GLN A 1 40 ? -2.337  1.778   8.338   1.00 15.28 ? 129  GLN A OE1 1 
ATOM   370 N NE2 . GLN A 1 40 ? -0.960  3.170   9.431   1.00 19.73 ? 129  GLN A NE2 1 
ATOM   371 N N   . CYS A 1 41 ? -1.659  2.951   2.867   1.00 7.68  ? 130  CYS A N   1 
ATOM   372 C CA  . CYS A 1 41 ? -1.092  2.374   1.654   1.00 7.30  ? 130  CYS A CA  1 
ATOM   373 C C   . CYS A 1 41 ? -0.938  3.452   0.586   1.00 6.32  ? 130  CYS A C   1 
ATOM   374 O O   . CYS A 1 41 ? 0.076   3.517   -0.112  1.00 7.71  ? 130  CYS A O   1 
ATOM   375 C CB  . CYS A 1 41 ? -1.995  1.253   1.141   1.00 7.54  ? 130  CYS A CB  1 
ATOM   376 S SG  . CYS A 1 41 ? -2.115  -0.157  2.277   1.00 9.56  ? 130  CYS A SG  1 
ATOM   377 N N   . ARG A 1 42 ? -1.954  4.304   0.467   1.00 6.42  ? 131  ARG A N   1 
ATOM   378 C CA  . ARG A 1 42 ? -1.940  5.391   -0.505  1.00 7.15  ? 131  ARG A CA  1 
ATOM   379 C C   . ARG A 1 42 ? -0.755  6.324   -0.255  1.00 6.02  ? 131  ARG A C   1 
ATOM   380 O O   . ARG A 1 42 ? -0.025  6.688   -1.180  1.00 6.57  ? 131  ARG A O   1 
ATOM   381 C CB  . ARG A 1 42 ? -3.246  6.176   -0.399  1.00 7.04  ? 131  ARG A CB  1 
ATOM   382 C CG  . ARG A 1 42 ? -3.374  7.349   -1.353  1.00 7.29  ? 131  ARG A CG  1 
ATOM   383 C CD  . ARG A 1 42 ? -4.580  8.194   -0.966  1.00 9.55  ? 131  ARG A CD  1 
ATOM   384 N NE  . ARG A 1 42 ? -4.305  8.949   0.254   1.00 11.22 ? 131  ARG A NE  1 
ATOM   385 C CZ  . ARG A 1 42 ? -5.231  9.417   1.084   1.00 13.10 ? 131  ARG A CZ  1 
ATOM   386 N NH1 . ARG A 1 42 ? -6.520  9.210   0.844   1.00 14.43 ? 131  ARG A NH1 1 
ATOM   387 N NH2 . ARG A 1 42 ? -4.863  10.103  2.158   1.00 14.31 ? 131  ARG A NH2 1 
ATOM   388 N N   . GLU A 1 43 ? -0.569  6.712   1.002   1.00 6.87  ? 132  GLU A N   1 
ATOM   389 C CA  . GLU A 1 43 ? 0.520   7.609   1.352   1.00 7.31  ? 132  GLU A CA  1 
ATOM   390 C C   . GLU A 1 43 ? 1.902   6.983   1.170   1.00 7.82  ? 132  GLU A C   1 
ATOM   391 O O   . GLU A 1 43 ? 2.833   7.647   0.710   1.00 8.57  ? 132  GLU A O   1 
ATOM   392 C CB  . GLU A 1 43 ? 0.332   8.114   2.783   1.00 9.27  ? 132  GLU A CB  1 
ATOM   393 C CG  . GLU A 1 43 ? -0.906  8.986   2.935   1.00 11.64 ? 132  GLU A CG  1 
ATOM   394 C CD  . GLU A 1 43 ? -0.919  10.137  1.947   1.00 12.47 ? 132  GLU A CD  1 
ATOM   395 O OE1 . GLU A 1 43 ? -1.831  10.192  1.094   1.00 12.20 ? 132  GLU A OE1 1 
ATOM   396 O OE2 . GLU A 1 43 ? -0.009  10.985  2.016   1.00 14.72 ? 132  GLU A OE2 1 
ATOM   397 N N   . ARG A 1 44 ? 2.039   5.704   1.504   1.00 7.70  ? 133  ARG A N   1 
ATOM   398 C CA  . ARG A 1 44 ? 3.323   5.032   1.348   1.00 7.43  ? 133  ARG A CA  1 
ATOM   399 C C   . ARG A 1 44 ? 3.697   4.993   -0.133  1.00 6.19  ? 133  ARG A C   1 
ATOM   400 O O   . ARG A 1 44 ? 4.854   5.204   -0.499  1.00 8.18  ? 133  ARG A O   1 
ATOM   401 C CB  . ARG A 1 44 ? 3.247   3.610   1.914   1.00 7.96  ? 133  ARG A CB  1 
ATOM   402 C CG  . ARG A 1 44 ? 4.586   2.879   1.965   1.00 7.36  ? 133  ARG A CG  1 
ATOM   403 C CD  . ARG A 1 44 ? 5.560   3.564   2.903   1.00 8.39  ? 133  ARG A CD  1 
ATOM   404 N NE  . ARG A 1 44 ? 6.831   2.848   2.986   1.00 9.07  ? 133  ARG A NE  1 
ATOM   405 C CZ  . ARG A 1 44 ? 7.896   3.300   3.639   1.00 10.64 ? 133  ARG A CZ  1 
ATOM   406 N NH1 . ARG A 1 44 ? 7.843   4.469   4.267   1.00 16.00 ? 133  ARG A NH1 1 
ATOM   407 N NH2 . ARG A 1 44 ? 9.009   2.579   3.674   1.00 12.38 ? 133  ARG A NH2 1 
ATOM   408 N N   . TRP A 1 45 ? 2.710   4.739   -0.986  1.00 5.35  ? 134  TRP A N   1 
ATOM   409 C CA  . TRP A 1 45 ? 2.949   4.688   -2.417  1.00 5.29  ? 134  TRP A CA  1 
ATOM   410 C C   . TRP A 1 45 ? 3.348   6.049   -2.992  1.00 8.06  ? 134  TRP A C   1 
ATOM   411 O O   . TRP A 1 45 ? 4.378   6.168   -3.646  1.00 8.91  ? 134  TRP A O   1 
ATOM   412 C CB  . TRP A 1 45 ? 1.699   4.156   -3.133  1.00 7.15  ? 134  TRP A CB  1 
ATOM   413 C CG  . TRP A 1 45 ? 1.785   4.208   -4.629  1.00 7.55  ? 134  TRP A CG  1 
ATOM   414 C CD1 . TRP A 1 45 ? 1.189   5.120   -5.452  1.00 10.13 ? 134  TRP A CD1 1 
ATOM   415 C CD2 . TRP A 1 45 ? 2.525   3.323   -5.479  1.00 9.36  ? 134  TRP A CD2 1 
ATOM   416 N NE1 . TRP A 1 45 ? 1.510   4.857   -6.762  1.00 10.79 ? 134  TRP A NE1 1 
ATOM   417 C CE2 . TRP A 1 45 ? 2.328   3.761   -6.809  1.00 8.96  ? 134  TRP A CE2 1 
ATOM   418 C CE3 . TRP A 1 45 ? 3.337   2.204   -5.247  1.00 10.32 ? 134  TRP A CE3 1 
ATOM   419 C CZ2 . TRP A 1 45 ? 2.913   3.116   -7.904  1.00 11.06 ? 134  TRP A CZ2 1 
ATOM   420 C CZ3 . TRP A 1 45 ? 3.920   1.564   -6.341  1.00 13.15 ? 134  TRP A CZ3 1 
ATOM   421 C CH2 . TRP A 1 45 ? 3.703   2.026   -7.651  1.00 12.90 ? 134  TRP A CH2 1 
ATOM   422 N N   . HIS A 1 46 ? 2.551   7.080   -2.740  1.00 7.33  ? 135  HIS A N   1 
ATOM   423 C CA  . HIS A 1 46 ? 2.857   8.392   -3.292  1.00 8.84  ? 135  HIS A CA  1 
ATOM   424 C C   . HIS A 1 46 ? 4.055   9.110   -2.688  1.00 9.00  ? 135  HIS A C   1 
ATOM   425 O O   . HIS A 1 46 ? 4.762   9.831   -3.393  1.00 13.47 ? 135  HIS A O   1 
ATOM   426 C CB  . HIS A 1 46 ? 1.633   9.303   -3.199  1.00 8.94  ? 135  HIS A CB  1 
ATOM   427 C CG  . HIS A 1 46 ? 0.498   8.870   -4.069  1.00 9.21  ? 135  HIS A CG  1 
ATOM   428 N ND1 . HIS A 1 46 ? 0.631   8.692   -5.430  1.00 11.69 ? 135  HIS A ND1 1 
ATOM   429 C CD2 . HIS A 1 46 ? -0.790  8.574   -3.775  1.00 9.97  ? 135  HIS A CD2 1 
ATOM   430 C CE1 . HIS A 1 46 ? -0.528  8.305   -5.935  1.00 11.45 ? 135  HIS A CE1 1 
ATOM   431 N NE2 . HIS A 1 46 ? -1.406  8.226   -4.952  1.00 10.23 ? 135  HIS A NE2 1 
ATOM   432 N N   . ASN A 1 47 ? 4.298   8.922   -1.396  1.00 9.85  ? 136  ASN A N   1 
ATOM   433 C CA  . ASN A 1 47 ? 5.408   9.617   -0.754  1.00 9.95  ? 136  ASN A CA  1 
ATOM   434 C C   . ASN A 1 47 ? 6.746   8.904   -0.750  1.00 13.17 ? 136  ASN A C   1 
ATOM   435 O O   . ASN A 1 47 ? 7.796   9.552   -0.722  1.00 17.25 ? 136  ASN A O   1 
ATOM   436 C CB  . ASN A 1 47 ? 5.059   9.966   0.694   1.00 13.39 ? 136  ASN A CB  1 
ATOM   437 C CG  . ASN A 1 47 ? 3.989   11.028  0.796   1.00 18.70 ? 136  ASN A CG  1 
ATOM   438 O OD1 . ASN A 1 47 ? 3.936   11.952  -0.015  1.00 23.92 ? 136  ASN A OD1 1 
ATOM   439 N ND2 . ASN A 1 47 ? 3.139   10.915  1.808   1.00 25.26 ? 136  ASN A ND2 1 
ATOM   440 N N   . HIS A 1 48 ? 6.726   7.580   -0.788  1.00 10.43 ? 137  HIS A N   1 
ATOM   441 C CA  . HIS A 1 48 ? 7.975   6.843   -0.712  1.00 12.20 ? 137  HIS A CA  1 
ATOM   442 C C   . HIS A 1 48 ? 8.309   5.886   -1.848  1.00 12.32 ? 137  HIS A C   1 
ATOM   443 O O   . HIS A 1 48 ? 9.432   5.892   -2.349  1.00 15.44 ? 137  HIS A O   1 
ATOM   444 C CB  . HIS A 1 48 ? 8.013   6.106   0.633   1.00 15.47 ? 137  HIS A CB  1 
ATOM   445 C CG  A HIS A 1 48 ? 9.237   5.269   0.839   0.50 18.31 ? 137  HIS A CG  1 
ATOM   446 C CG  B HIS A 1 48 ? 7.867   7.015   1.814   0.50 15.79 ? 137  HIS A CG  1 
ATOM   447 N ND1 A HIS A 1 48 ? 9.438   4.071   0.189   0.50 23.95 ? 137  HIS A ND1 1 
ATOM   448 N ND1 B HIS A 1 48 ? 8.814   7.961   2.144   0.50 22.31 ? 137  HIS A ND1 1 
ATOM   449 C CD2 A HIS A 1 48 ? 10.327  5.464   1.617   0.50 24.03 ? 137  HIS A CD2 1 
ATOM   450 C CD2 B HIS A 1 48 ? 6.872   7.145   2.724   0.50 19.00 ? 137  HIS A CD2 1 
ATOM   451 C CE1 A HIS A 1 48 ? 10.601  3.562   0.559   0.50 24.73 ? 137  HIS A CE1 1 
ATOM   452 C CE1 B HIS A 1 48 ? 8.408   8.636   3.206   0.50 20.62 ? 137  HIS A CE1 1 
ATOM   453 N NE2 A HIS A 1 48 ? 11.159  4.388   1.426   0.50 22.03 ? 137  HIS A NE2 1 
ATOM   454 N NE2 B HIS A 1 48 ? 7.233   8.159   3.577   0.50 21.73 ? 137  HIS A NE2 1 
ATOM   455 N N   . LEU A 1 49 ? 7.348   5.076   -2.273  1.00 9.02  ? 138  LEU A N   1 
ATOM   456 C CA  . LEU A 1 49 ? 7.630   4.103   -3.320  1.00 8.48  ? 138  LEU A CA  1 
ATOM   457 C C   . LEU A 1 49 ? 7.554   4.606   -4.756  1.00 9.20  ? 138  LEU A C   1 
ATOM   458 O O   . LEU A 1 49 ? 8.296   4.127   -5.616  1.00 12.69 ? 138  LEU A O   1 
ATOM   459 C CB  . LEU A 1 49 ? 6.719   2.885   -3.149  1.00 10.40 ? 138  LEU A CB  1 
ATOM   460 C CG  . LEU A 1 49 ? 6.826   2.200   -1.784  1.00 13.35 ? 138  LEU A CG  1 
ATOM   461 C CD1 . LEU A 1 49 ? 5.808   1.077   -1.697  1.00 16.76 ? 138  LEU A CD1 1 
ATOM   462 C CD2 . LEU A 1 49 ? 8.236   1.664   -1.581  1.00 17.48 ? 138  LEU A CD2 1 
ATOM   463 N N   . ASN A 1 50 ? 6.671   5.564   -5.023  1.00 8.05  ? 139  ASN A N   1 
ATOM   464 C CA  . ASN A 1 50 ? 6.513   6.095   -6.377  1.00 8.43  ? 139  ASN A CA  1 
ATOM   465 C C   . ASN A 1 50 ? 6.336   7.608   -6.336  1.00 10.44 ? 139  ASN A C   1 
ATOM   466 O O   . ASN A 1 50 ? 5.297   8.133   -6.740  1.00 12.63 ? 139  ASN A O   1 
ATOM   467 C CB  . ASN A 1 50 ? 5.292   5.455   -7.048  1.00 8.77  ? 139  ASN A CB  1 
ATOM   468 C CG  . ASN A 1 50 ? 5.211   5.763   -8.532  1.00 9.83  ? 139  ASN A CG  1 
ATOM   469 O OD1 . ASN A 1 50 ? 6.153   5.506   -9.279  1.00 12.04 ? 139  ASN A OD1 1 
ATOM   470 N ND2 . ASN A 1 50 ? 4.079   6.302   -8.969  1.00 10.48 ? 139  ASN A ND2 1 
ATOM   471 N N   . PRO A 1 51 ? 7.354   8.330   -5.851  1.00 11.09 ? 140  PRO A N   1 
ATOM   472 C CA  . PRO A 1 51 ? 7.293   9.792   -5.762  1.00 14.12 ? 140  PRO A CA  1 
ATOM   473 C C   . PRO A 1 51 ? 7.244   10.483  -7.120  1.00 16.78 ? 140  PRO A C   1 
ATOM   474 O O   . PRO A 1 51 ? 7.711   9.940   -8.121  1.00 16.88 ? 140  PRO A O   1 
ATOM   475 C CB  . PRO A 1 51 ? 8.556   10.136  -4.983  1.00 15.53 ? 140  PRO A CB  1 
ATOM   476 C CG  . PRO A 1 51 ? 9.515   9.090   -5.447  1.00 15.68 ? 140  PRO A CG  1 
ATOM   477 C CD  . PRO A 1 51 ? 8.671   7.835   -5.407  1.00 12.85 ? 140  PRO A CD  1 
ATOM   478 N N   . GLU A 1 52 ? 6.674   11.683  -7.140  1.00 21.81 ? 141  GLU A N   1 
ATOM   479 C CA  . GLU A 1 52 ? 6.560   12.463  -8.367  1.00 25.78 ? 141  GLU A CA  1 
ATOM   480 C C   . GLU A 1 52 ? 7.939   12.949  -8.809  1.00 29.88 ? 141  GLU A C   1 
ATOM   481 O O   . GLU A 1 52 ? 8.881   12.874  -7.991  1.00 31.92 ? 141  GLU A O   1 
ATOM   482 C CB  . GLU A 1 52 ? 5.634   13.661  -8.131  1.00 28.75 ? 141  GLU A CB  1 
ATOM   483 C CG  A GLU A 1 52 ? 5.409   14.543  -9.347  0.50 30.23 ? 141  GLU A CG  1 
ATOM   484 C CG  B GLU A 1 52 ? 4.255   13.290  -7.607  0.50 30.53 ? 141  GLU A CG  1 
ATOM   485 C CD  A GLU A 1 52 ? 4.437   15.674  -9.069  0.50 31.16 ? 141  GLU A CD  1 
ATOM   486 C CD  B GLU A 1 52 ? 3.438   12.498  -8.610  0.50 31.57 ? 141  GLU A CD  1 
ATOM   487 O OE1 A GLU A 1 52 ? 4.685   16.454  -8.126  0.50 33.83 ? 141  GLU A OE1 1 
ATOM   488 O OE1 B GLU A 1 52 ? 2.352   12.009  -8.236  0.50 29.75 ? 141  GLU A OE1 1 
ATOM   489 O OE2 A GLU A 1 52 ? 3.426   15.783  -9.795  0.50 33.27 ? 141  GLU A OE2 1 
ATOM   490 O OE2 B GLU A 1 52 ? 3.878   12.369  -9.772  0.50 35.53 ? 141  GLU A OE2 1 
ATOM   491 O OXT . GLU A 1 52 ? 8.062   13.408  -9.964  1.00 37.08 ? 141  GLU A OXT 1 
HETATM 492 N N   . NH4 B 2 .  ? -5.683  -4.587  6.788   1.00 22.02 ? 1142 NH4 A N   1 
HETATM 493 S S   . SO4 C 3 .  ? -6.063  -6.025  10.550  1.00 46.73 ? 1143 SO4 A S   1 
HETATM 494 O O1  . SO4 C 3 .  ? -5.926  -4.585  10.836  1.00 47.00 ? 1143 SO4 A O1  1 
HETATM 495 O O2  . SO4 C 3 .  ? -7.493  -6.371  10.448  1.00 49.52 ? 1143 SO4 A O2  1 
HETATM 496 O O3  . SO4 C 3 .  ? -5.390  -6.340  9.275   1.00 47.23 ? 1143 SO4 A O3  1 
HETATM 497 O O4  . SO4 C 3 .  ? -5.445  -6.806  11.637  1.00 47.87 ? 1143 SO4 A O4  1 
HETATM 498 S S   . SO4 D 3 .  ? -6.624  12.402  4.955   0.50 30.42 ? 1144 SO4 A S   1 
HETATM 499 O O1  . SO4 D 3 .  ? -6.409  13.838  4.697   0.50 31.43 ? 1144 SO4 A O1  1 
HETATM 500 O O2  . SO4 D 3 .  ? -8.023  12.178  5.367   0.50 33.53 ? 1144 SO4 A O2  1 
HETATM 501 O O3  . SO4 D 3 .  ? -6.350  11.637  3.726   0.50 32.47 ? 1144 SO4 A O3  1 
HETATM 502 O O4  . SO4 D 3 .  ? -5.716  11.953  6.027   0.50 33.03 ? 1144 SO4 A O4  1 
HETATM 503 O O   . HOH E 4 .  ? -5.306  -1.100  11.036  1.00 29.32 ? 2001 HOH A O   1 
HETATM 504 O O   . HOH E 4 .  ? -6.934  -6.564  15.522  1.00 41.29 ? 2002 HOH A O   1 
HETATM 505 O O   . HOH E 4 .  ? 5.100   -5.377  9.291   1.00 21.23 ? 2003 HOH A O   1 
HETATM 506 O O   . HOH E 4 .  ? -1.398  0.930   11.229  1.00 40.81 ? 2004 HOH A O   1 
HETATM 507 O O   . HOH E 4 .  ? 4.697   -1.506  12.452  0.50 23.45 ? 2005 HOH A O   1 
HETATM 508 O O   . HOH E 4 .  ? 10.861  -0.087  4.852   1.00 24.18 ? 2006 HOH A O   1 
HETATM 509 O O   . HOH E 4 .  ? 7.966   3.824   7.802   1.00 29.09 ? 2007 HOH A O   1 
HETATM 510 O O   . HOH E 4 .  ? 10.203  2.351   7.277   1.00 45.20 ? 2008 HOH A O   1 
HETATM 511 O O   . HOH E 4 .  ? 12.543  -3.468  7.247   1.00 27.62 ? 2009 HOH A O   1 
HETATM 512 O O   . HOH E 4 .  ? 12.650  -7.381  8.248   1.00 44.29 ? 2010 HOH A O   1 
HETATM 513 O O   . HOH E 4 .  ? 1.248   -5.487  6.667   1.00 14.16 ? 2011 HOH A O   1 
HETATM 514 O O   . HOH E 4 .  ? 11.628  0.873   1.336   1.00 37.83 ? 2012 HOH A O   1 
HETATM 515 O O   . HOH E 4 .  ? 12.603  -7.285  -2.102  1.00 31.87 ? 2013 HOH A O   1 
HETATM 516 O O   . HOH E 4 .  ? -0.111  -9.035  5.715   1.00 24.98 ? 2014 HOH A O   1 
HETATM 517 O O   . HOH E 4 .  ? 2.123   -7.672  5.179   1.00 19.59 ? 2015 HOH A O   1 
HETATM 518 O O   . HOH E 4 .  ? 3.972   -1.353  -8.549  1.00 26.14 ? 2016 HOH A O   1 
HETATM 519 O O   . HOH E 4 .  ? 7.844   -6.294  -8.563  1.00 36.14 ? 2017 HOH A O   1 
HETATM 520 O O   . HOH E 4 .  ? -4.879  -10.470 -4.142  1.00 40.07 ? 2018 HOH A O   1 
HETATM 521 O O   . HOH E 4 .  ? -6.695  1.215   -9.500  1.00 31.58 ? 2019 HOH A O   1 
HETATM 522 O O   . HOH E 4 .  ? -9.479  4.291   -2.869  1.00 39.30 ? 2020 HOH A O   1 
HETATM 523 O O   . HOH E 4 .  ? -10.555 1.962   -2.151  1.00 44.61 ? 2021 HOH A O   1 
HETATM 524 O O   . HOH E 4 .  ? -9.280  3.645   1.122   1.00 42.03 ? 2022 HOH A O   1 
HETATM 525 O O   . HOH E 4 .  ? -9.393  -2.169  3.728   1.00 23.40 ? 2023 HOH A O   1 
HETATM 526 O O   . HOH E 4 .  ? 5.077   -4.266  11.976  1.00 32.76 ? 2024 HOH A O   1 
HETATM 527 O O   . HOH E 4 .  ? -8.937  0.484   4.700   1.00 28.14 ? 2025 HOH A O   1 
HETATM 528 O O   . HOH E 4 .  ? -7.557  5.610   0.664   1.00 41.46 ? 2026 HOH A O   1 
HETATM 529 O O   . HOH E 4 .  ? -8.378  4.373   4.709   1.00 21.61 ? 2027 HOH A O   1 
HETATM 530 O O   . HOH E 4 .  ? 1.775   5.323   5.341   1.00 19.22 ? 2028 HOH A O   1 
HETATM 531 O O   . HOH E 4 .  ? -3.919  1.125   10.784  1.00 33.68 ? 2029 HOH A O   1 
HETATM 532 O O   . HOH E 4 .  ? -7.954  7.962   -1.270  1.00 21.20 ? 2030 HOH A O   1 
HETATM 533 O O   . HOH E 4 .  ? 1.278   11.493  4.475   1.00 37.92 ? 2031 HOH A O   1 
HETATM 534 O O   . HOH E 4 .  ? -1.291  13.625  1.857   1.00 31.29 ? 2032 HOH A O   1 
HETATM 535 O O   . HOH E 4 .  ? 10.493  5.535   5.363   1.00 43.28 ? 2033 HOH A O   1 
HETATM 536 O O   . HOH E 4 .  ? 5.807   5.856   5.939   1.00 38.54 ? 2034 HOH A O   1 
HETATM 537 O O   . HOH E 4 .  ? 0.665   6.613   -8.887  1.00 22.04 ? 2035 HOH A O   1 
HETATM 538 O O   . HOH E 4 .  ? 2.593   8.844   -7.370  1.00 20.32 ? 2036 HOH A O   1 
HETATM 539 O O   . HOH E 4 .  ? 10.587  9.896   -1.146  1.00 45.85 ? 2037 HOH A O   1 
HETATM 540 O O   . HOH E 4 .  ? 7.726   12.421  -1.002  1.00 44.28 ? 2038 HOH A O   1 
HETATM 541 O O   . HOH E 4 .  ? 3.922   9.689   4.353   1.00 47.31 ? 2039 HOH A O   1 
HETATM 542 O O   . HOH E 4 .  ? 11.309  8.044   0.974   0.50 31.06 ? 2040 HOH A O   1 
HETATM 543 O O   . HOH E 4 .  ? 11.755  7.183   -2.782  1.00 36.93 ? 2041 HOH A O   1 
HETATM 544 O O   . HOH E 4 .  ? 4.143   7.049   4.178   1.00 41.82 ? 2042 HOH A O   1 
HETATM 545 O O   . HOH E 4 .  ? 8.587   7.438   -8.923  1.00 13.80 ? 2043 HOH A O   1 
HETATM 546 O O   . HOH E 4 .  ? 1.243   11.378  -10.535 1.00 25.38 ? 2044 HOH A O   1 
HETATM 547 O O   . HOH E 4 .  ? 10.163  14.283  -11.672 1.00 33.93 ? 2045 HOH A O   1 
HETATM 548 O O   . HOH E 4 .  ? 5.967   12.985  -12.575 1.00 32.38 ? 2046 HOH A O   1 
HETATM 549 O O   . HOH E 4 .  ? 5.375   12.597  -4.648  1.00 45.74 ? 2047 HOH A O   1 
HETATM 550 O O   . HOH E 4 .  ? -8.086  -3.466  5.888   1.00 35.63 ? 2048 HOH A O   1 
HETATM 551 O O   . HOH E 4 .  ? -6.208  -8.895  14.372  1.00 45.66 ? 2049 HOH A O   1 
HETATM 552 O O   B HOH E 4 .  ? -8.625  10.246  2.894   0.50 23.97 ? 2050 HOH A O   1 
HETATM 553 O O   A HOH E 4 .  ? -7.668  11.133  3.907   0.50 23.67 ? 2051 HOH A O   1 
# 
loop_
_pdbx_poly_seq_scheme.asym_id 
_pdbx_poly_seq_scheme.entity_id 
_pdbx_poly_seq_scheme.seq_id 
_pdbx_poly_seq_scheme.mon_id 
_pdbx_poly_seq_scheme.ndb_seq_num 
_pdbx_poly_seq_scheme.pdb_seq_num 
_pdbx_poly_seq_scheme.auth_seq_num 
_pdbx_poly_seq_scheme.pdb_mon_id 
_pdbx_poly_seq_scheme.auth_mon_id 
_pdbx_poly_seq_scheme.pdb_strand_id 
_pdbx_poly_seq_scheme.pdb_ins_code 
_pdbx_poly_seq_scheme.hetero 
A 1 1  LEU 1  90  90  LEU LEU A . n 
A 1 2  ILE 2  91  91  ILE ILE A . n 
A 1 3  LYS 3  92  92  LYS LYS A . n 
A 1 4  GLY 4  93  93  GLY GLY A . n 
A 1 5  PRO 5  94  94  PRO PRO A . n 
A 1 6  TRP 6  95  95  TRP TRP A . n 
A 1 7  THR 7  96  96  THR THR A . n 
A 1 8  LYS 8  97  97  LYS LYS A . n 
A 1 9  GLU 9  98  98  GLU GLU A . n 
A 1 10 GLU 10 99  99  GLU GLU A . n 
A 1 11 ASP 11 100 100 ASP ASP A . n 
A 1 12 GLN 12 101 101 GLN GLN A . n 
A 1 13 ARG 13 102 102 ARG ARG A . n 
A 1 14 LEU 14 103 103 LEU LEU A . n 
A 1 15 ILE 15 104 104 ILE ILE A . n 
A 1 16 LYS 16 105 105 LYS LYS A . n 
A 1 17 LEU 17 106 106 LEU LEU A . n 
A 1 18 VAL 18 107 107 VAL VAL A . n 
A 1 19 GLN 19 108 108 GLN GLN A . n 
A 1 20 LYS 20 109 109 LYS LYS A . n 
A 1 21 TYR 21 110 110 TYR TYR A . n 
A 1 22 GLY 22 111 111 GLY GLY A . n 
A 1 23 PRO 23 112 112 PRO PRO A . n 
A 1 24 LYS 24 113 113 LYS LYS A . n 
A 1 25 ARG 25 114 114 ARG ARG A . n 
A 1 26 TRP 26 115 115 TRP TRP A . n 
A 1 27 SER 27 116 116 SER SER A . n 
A 1 28 VAL 28 117 117 VAL VAL A . n 
A 1 29 ILE 29 118 118 ILE ILE A . n 
A 1 30 ALA 30 119 119 ALA ALA A . n 
A 1 31 LYS 31 120 120 LYS LYS A . n 
A 1 32 HIS 32 121 121 HIS HIS A . n 
A 1 33 LEU 33 122 122 LEU LEU A . n 
A 1 34 LYS 34 123 123 LYS LYS A . n 
A 1 35 GLY 35 124 124 GLY GLY A . n 
A 1 36 ARG 36 125 125 ARG ARG A . n 
A 1 37 ILE 37 126 126 ILE ILE A . n 
A 1 38 GLY 38 127 127 GLY GLY A . n 
A 1 39 LYS 39 128 128 LYS LYS A . n 
A 1 40 GLN 40 129 129 GLN GLN A . n 
A 1 41 CYS 41 130 130 CYS CYS A . n 
A 1 42 ARG 42 131 131 ARG ARG A . n 
A 1 43 GLU 43 132 132 GLU GLU A . n 
A 1 44 ARG 44 133 133 ARG ARG A . n 
A 1 45 TRP 45 134 134 TRP TRP A . n 
A 1 46 HIS 46 135 135 HIS HIS A . n 
A 1 47 ASN 47 136 136 ASN ASN A . n 
A 1 48 HIS 48 137 137 HIS HIS A . n 
A 1 49 LEU 49 138 138 LEU LEU A . n 
A 1 50 ASN 50 139 139 ASN ASN A . n 
A 1 51 PRO 51 140 140 PRO PRO A . n 
A 1 52 GLU 52 141 141 GLU GLU A . n 
# 
loop_
_pdbx_nonpoly_scheme.asym_id 
_pdbx_nonpoly_scheme.entity_id 
_pdbx_nonpoly_scheme.mon_id 
_pdbx_nonpoly_scheme.ndb_seq_num 
_pdbx_nonpoly_scheme.pdb_seq_num 
_pdbx_nonpoly_scheme.auth_seq_num 
_pdbx_nonpoly_scheme.pdb_mon_id 
_pdbx_nonpoly_scheme.auth_mon_id 
_pdbx_nonpoly_scheme.pdb_strand_id 
_pdbx_nonpoly_scheme.pdb_ins_code 
B 2 NH4 1  1142 1142 NH4 NH4 A . 
C 3 SO4 1  1143 1143 SO4 SO4 A . 
D 3 SO4 1  1144 1144 SO4 SO4 A . 
E 4 HOH 1  2001 2001 HOH HOH A . 
E 4 HOH 2  2002 2002 HOH HOH A . 
E 4 HOH 3  2003 2003 HOH HOH A . 
E 4 HOH 4  2004 2004 HOH HOH A . 
E 4 HOH 5  2005 2005 HOH HOH A . 
E 4 HOH 6  2006 2006 HOH HOH A . 
E 4 HOH 7  2007 2007 HOH HOH A . 
E 4 HOH 8  2008 2008 HOH HOH A . 
E 4 HOH 9  2009 2009 HOH HOH A . 
E 4 HOH 10 2010 2010 HOH HOH A . 
E 4 HOH 11 2011 2011 HOH HOH A . 
E 4 HOH 12 2012 2012 HOH HOH A . 
E 4 HOH 13 2013 2013 HOH HOH A . 
E 4 HOH 14 2014 2014 HOH HOH A . 
E 4 HOH 15 2015 2015 HOH HOH A . 
E 4 HOH 16 2016 2016 HOH HOH A . 
E 4 HOH 17 2017 2017 HOH HOH A . 
E 4 HOH 18 2018 2018 HOH HOH A . 
E 4 HOH 19 2019 2019 HOH HOH A . 
E 4 HOH 20 2020 2020 HOH HOH A . 
E 4 HOH 21 2021 2021 HOH HOH A . 
E 4 HOH 22 2022 2022 HOH HOH A . 
E 4 HOH 23 2023 2023 HOH HOH A . 
E 4 HOH 24 2024 2024 HOH HOH A . 
E 4 HOH 25 2025 2025 HOH HOH A . 
E 4 HOH 26 2026 2026 HOH HOH A . 
E 4 HOH 27 2027 2027 HOH HOH A . 
E 4 HOH 28 2028 2028 HOH HOH A . 
E 4 HOH 29 2029 2029 HOH HOH A . 
E 4 HOH 30 2030 2030 HOH HOH A . 
E 4 HOH 31 2031 2031 HOH HOH A . 
E 4 HOH 32 2032 2032 HOH HOH A . 
E 4 HOH 33 2033 2033 HOH HOH A . 
E 4 HOH 34 2034 2034 HOH HOH A . 
E 4 HOH 35 2035 2035 HOH HOH A . 
E 4 HOH 36 2036 2036 HOH HOH A . 
E 4 HOH 37 2037 2037 HOH HOH A . 
E 4 HOH 38 2038 2038 HOH HOH A . 
E 4 HOH 39 2039 2039 HOH HOH A . 
E 4 HOH 40 2040 2040 HOH HOH A . 
E 4 HOH 41 2041 2041 HOH HOH A . 
E 4 HOH 42 2042 2042 HOH HOH A . 
E 4 HOH 43 2043 2043 HOH HOH A . 
E 4 HOH 44 2044 2044 HOH HOH A . 
E 4 HOH 45 2045 2045 HOH HOH A . 
E 4 HOH 46 2046 2046 HOH HOH A . 
E 4 HOH 47 2047 2047 HOH HOH A . 
E 4 HOH 48 2048 2048 HOH HOH A . 
E 4 HOH 49 2049 2049 HOH HOH A . 
E 4 HOH 50 2050 2050 HOH HOH A . 
E 4 HOH 51 2051 2051 HOH HOH A . 
# 
_pdbx_struct_assembly.id                   1 
_pdbx_struct_assembly.details              author_and_software_defined_assembly 
_pdbx_struct_assembly.method_details       PQS 
_pdbx_struct_assembly.oligomeric_details   monomeric 
_pdbx_struct_assembly.oligomeric_count     1 
# 
_pdbx_struct_assembly_gen.assembly_id       1 
_pdbx_struct_assembly_gen.oper_expression   1 
_pdbx_struct_assembly_gen.asym_id_list      A,B,C,D,E 
# 
_pdbx_struct_oper_list.id                   1 
_pdbx_struct_oper_list.type                 'identity operation' 
_pdbx_struct_oper_list.name                 1_555 
_pdbx_struct_oper_list.symmetry_operation   x,y,z 
_pdbx_struct_oper_list.matrix[1][1]         1.0000000000 
_pdbx_struct_oper_list.matrix[1][2]         0.0000000000 
_pdbx_struct_oper_list.matrix[1][3]         0.0000000000 
_pdbx_struct_oper_list.vector[1]            0.0000000000 
_pdbx_struct_oper_list.matrix[2][1]         0.0000000000 
_pdbx_struct_oper_list.matrix[2][2]         1.0000000000 
_pdbx_struct_oper_list.matrix[2][3]         0.0000000000 
_pdbx_struct_oper_list.vector[2]            0.0000000000 
_pdbx_struct_oper_list.matrix[3][1]         0.0000000000 
_pdbx_struct_oper_list.matrix[3][2]         0.0000000000 
_pdbx_struct_oper_list.matrix[3][3]         1.0000000000 
_pdbx_struct_oper_list.vector[3]            0.0000000000 
# 
loop_
_pdbx_audit_revision_history.ordinal 
_pdbx_audit_revision_history.data_content_type 
_pdbx_audit_revision_history.major_revision 
_pdbx_audit_revision_history.minor_revision 
_pdbx_audit_revision_history.revision_date 
1 'Structure model' 1 0 2003-07-03 
2 'Structure model' 1 1 2011-05-08 
3 'Structure model' 1 2 2011-07-13 
4 'Structure model' 1 3 2019-05-08 
5 'Structure model' 1 4 2023-12-13 
# 
_pdbx_audit_revision_details.ordinal             1 
_pdbx_audit_revision_details.revision_ordinal    1 
_pdbx_audit_revision_details.data_content_type   'Structure model' 
_pdbx_audit_revision_details.provider            repository 
_pdbx_audit_revision_details.type                'Initial release' 
_pdbx_audit_revision_details.description         ? 
_pdbx_audit_revision_details.details             ? 
# 
loop_
_pdbx_audit_revision_group.ordinal 
_pdbx_audit_revision_group.revision_ordinal 
_pdbx_audit_revision_group.data_content_type 
_pdbx_audit_revision_group.group 
1 2 'Structure model' 'Version format compliance' 
2 3 'Structure model' 'Version format compliance' 
3 4 'Structure model' 'Data collection'           
4 4 'Structure model' 'Experimental preparation'  
5 4 'Structure model' Other                       
6 5 'Structure model' 'Data collection'           
7 5 'Structure model' 'Database references'       
8 5 'Structure model' Other                       
9 5 'Structure model' 'Refinement description'    
# 
loop_
_pdbx_audit_revision_category.ordinal 
_pdbx_audit_revision_category.revision_ordinal 
_pdbx_audit_revision_category.data_content_type 
_pdbx_audit_revision_category.category 
1 4 'Structure model' exptl_crystal_grow            
2 4 'Structure model' pdbx_database_proc            
3 4 'Structure model' pdbx_database_status          
4 5 'Structure model' chem_comp_atom                
5 5 'Structure model' chem_comp_bond                
6 5 'Structure model' database_2                    
7 5 'Structure model' pdbx_database_status          
8 5 'Structure model' pdbx_initial_refinement_model 
# 
loop_
_pdbx_audit_revision_item.ordinal 
_pdbx_audit_revision_item.revision_ordinal 
_pdbx_audit_revision_item.data_content_type 
_pdbx_audit_revision_item.item 
1 4 'Structure model' '_exptl_crystal_grow.temp'                    
2 4 'Structure model' '_pdbx_database_status.recvd_author_approval' 
3 5 'Structure model' '_database_2.pdbx_DOI'                        
4 5 'Structure model' '_database_2.pdbx_database_accession'         
5 5 'Structure model' '_pdbx_database_status.status_code_sf'        
# 
loop_
_software.name 
_software.classification 
_software.version 
_software.citation_id 
_software.pdbx_ordinal 
_software.date 
_software.type 
_software.location 
_software.language 
CNS       refinement       1.0 ? 1 ? ? ? ? 
DENZO     'data reduction' .   ? 2 ? ? ? ? 
SCALEPACK 'data scaling'   .   ? 3 ? ? ? ? 
X-PLOR    phasing          .   ? 4 ? ? ? ? 
# 
_pdbx_entry_details.entry_id                 1GVD 
_pdbx_entry_details.compound_details         'ENGINEERED MUTATION VAL 103 LEU' 
_pdbx_entry_details.source_details           ? 
_pdbx_entry_details.nonpolymer_details       ? 
_pdbx_entry_details.sequence_details         ? 
_pdbx_entry_details.has_ligand_of_interest   ? 
# 
loop_
_pdbx_validate_torsion.id 
_pdbx_validate_torsion.PDB_model_num 
_pdbx_validate_torsion.auth_comp_id 
_pdbx_validate_torsion.auth_asym_id 
_pdbx_validate_torsion.auth_seq_id 
_pdbx_validate_torsion.PDB_ins_code 
_pdbx_validate_torsion.label_alt_id 
_pdbx_validate_torsion.phi 
_pdbx_validate_torsion.psi 
1 1 PRO A 112 ? A -85.47  35.54   
2 1 PRO A 112 ? B -69.28  54.91   
3 1 LYS A 113 ? B -163.33 -148.13 
4 1 ARG A 114 ? A -102.48 52.83   
5 1 ARG A 114 ? B 36.00   46.45   
# 
loop_
_chem_comp_atom.comp_id 
_chem_comp_atom.atom_id 
_chem_comp_atom.type_symbol 
_chem_comp_atom.pdbx_aromatic_flag 
_chem_comp_atom.pdbx_stereo_config 
_chem_comp_atom.pdbx_ordinal 
ALA N    N N N 1   
ALA CA   C N S 2   
ALA C    C N N 3   
ALA O    O N N 4   
ALA CB   C N N 5   
ALA OXT  O N N 6   
ALA H    H N N 7   
ALA H2   H N N 8   
ALA HA   H N N 9   
ALA HB1  H N N 10  
ALA HB2  H N N 11  
ALA HB3  H N N 12  
ALA HXT  H N N 13  
ARG N    N N N 14  
ARG CA   C N S 15  
ARG C    C N N 16  
ARG O    O N N 17  
ARG CB   C N N 18  
ARG CG   C N N 19  
ARG CD   C N N 20  
ARG NE   N N N 21  
ARG CZ   C N N 22  
ARG NH1  N N N 23  
ARG NH2  N N N 24  
ARG OXT  O N N 25  
ARG H    H N N 26  
ARG H2   H N N 27  
ARG HA   H N N 28  
ARG HB2  H N N 29  
ARG HB3  H N N 30  
ARG HG2  H N N 31  
ARG HG3  H N N 32  
ARG HD2  H N N 33  
ARG HD3  H N N 34  
ARG HE   H N N 35  
ARG HH11 H N N 36  
ARG HH12 H N N 37  
ARG HH21 H N N 38  
ARG HH22 H N N 39  
ARG HXT  H N N 40  
ASN N    N N N 41  
ASN CA   C N S 42  
ASN C    C N N 43  
ASN O    O N N 44  
ASN CB   C N N 45  
ASN CG   C N N 46  
ASN OD1  O N N 47  
ASN ND2  N N N 48  
ASN OXT  O N N 49  
ASN H    H N N 50  
ASN H2   H N N 51  
ASN HA   H N N 52  
ASN HB2  H N N 53  
ASN HB3  H N N 54  
ASN HD21 H N N 55  
ASN HD22 H N N 56  
ASN HXT  H N N 57  
ASP N    N N N 58  
ASP CA   C N S 59  
ASP C    C N N 60  
ASP O    O N N 61  
ASP CB   C N N 62  
ASP CG   C N N 63  
ASP OD1  O N N 64  
ASP OD2  O N N 65  
ASP OXT  O N N 66  
ASP H    H N N 67  
ASP H2   H N N 68  
ASP HA   H N N 69  
ASP HB2  H N N 70  
ASP HB3  H N N 71  
ASP HD2  H N N 72  
ASP HXT  H N N 73  
CYS N    N N N 74  
CYS CA   C N R 75  
CYS C    C N N 76  
CYS O    O N N 77  
CYS CB   C N N 78  
CYS SG   S N N 79  
CYS OXT  O N N 80  
CYS H    H N N 81  
CYS H2   H N N 82  
CYS HA   H N N 83  
CYS HB2  H N N 84  
CYS HB3  H N N 85  
CYS HG   H N N 86  
CYS HXT  H N N 87  
GLN N    N N N 88  
GLN CA   C N S 89  
GLN C    C N N 90  
GLN O    O N N 91  
GLN CB   C N N 92  
GLN CG   C N N 93  
GLN CD   C N N 94  
GLN OE1  O N N 95  
GLN NE2  N N N 96  
GLN OXT  O N N 97  
GLN H    H N N 98  
GLN H2   H N N 99  
GLN HA   H N N 100 
GLN HB2  H N N 101 
GLN HB3  H N N 102 
GLN HG2  H N N 103 
GLN HG3  H N N 104 
GLN HE21 H N N 105 
GLN HE22 H N N 106 
GLN HXT  H N N 107 
GLU N    N N N 108 
GLU CA   C N S 109 
GLU C    C N N 110 
GLU O    O N N 111 
GLU CB   C N N 112 
GLU CG   C N N 113 
GLU CD   C N N 114 
GLU OE1  O N N 115 
GLU OE2  O N N 116 
GLU OXT  O N N 117 
GLU H    H N N 118 
GLU H2   H N N 119 
GLU HA   H N N 120 
GLU HB2  H N N 121 
GLU HB3  H N N 122 
GLU HG2  H N N 123 
GLU HG3  H N N 124 
GLU HE2  H N N 125 
GLU HXT  H N N 126 
GLY N    N N N 127 
GLY CA   C N N 128 
GLY C    C N N 129 
GLY O    O N N 130 
GLY OXT  O N N 131 
GLY H    H N N 132 
GLY H2   H N N 133 
GLY HA2  H N N 134 
GLY HA3  H N N 135 
GLY HXT  H N N 136 
HIS N    N N N 137 
HIS CA   C N S 138 
HIS C    C N N 139 
HIS O    O N N 140 
HIS CB   C N N 141 
HIS CG   C Y N 142 
HIS ND1  N Y N 143 
HIS CD2  C Y N 144 
HIS CE1  C Y N 145 
HIS NE2  N Y N 146 
HIS OXT  O N N 147 
HIS H    H N N 148 
HIS H2   H N N 149 
HIS HA   H N N 150 
HIS HB2  H N N 151 
HIS HB3  H N N 152 
HIS HD1  H N N 153 
HIS HD2  H N N 154 
HIS HE1  H N N 155 
HIS HE2  H N N 156 
HIS HXT  H N N 157 
HOH O    O N N 158 
HOH H1   H N N 159 
HOH H2   H N N 160 
ILE N    N N N 161 
ILE CA   C N S 162 
ILE C    C N N 163 
ILE O    O N N 164 
ILE CB   C N S 165 
ILE CG1  C N N 166 
ILE CG2  C N N 167 
ILE CD1  C N N 168 
ILE OXT  O N N 169 
ILE H    H N N 170 
ILE H2   H N N 171 
ILE HA   H N N 172 
ILE HB   H N N 173 
ILE HG12 H N N 174 
ILE HG13 H N N 175 
ILE HG21 H N N 176 
ILE HG22 H N N 177 
ILE HG23 H N N 178 
ILE HD11 H N N 179 
ILE HD12 H N N 180 
ILE HD13 H N N 181 
ILE HXT  H N N 182 
LEU N    N N N 183 
LEU CA   C N S 184 
LEU C    C N N 185 
LEU O    O N N 186 
LEU CB   C N N 187 
LEU CG   C N N 188 
LEU CD1  C N N 189 
LEU CD2  C N N 190 
LEU OXT  O N N 191 
LEU H    H N N 192 
LEU H2   H N N 193 
LEU HA   H N N 194 
LEU HB2  H N N 195 
LEU HB3  H N N 196 
LEU HG   H N N 197 
LEU HD11 H N N 198 
LEU HD12 H N N 199 
LEU HD13 H N N 200 
LEU HD21 H N N 201 
LEU HD22 H N N 202 
LEU HD23 H N N 203 
LEU HXT  H N N 204 
LYS N    N N N 205 
LYS CA   C N S 206 
LYS C    C N N 207 
LYS O    O N N 208 
LYS CB   C N N 209 
LYS CG   C N N 210 
LYS CD   C N N 211 
LYS CE   C N N 212 
LYS NZ   N N N 213 
LYS OXT  O N N 214 
LYS H    H N N 215 
LYS H2   H N N 216 
LYS HA   H N N 217 
LYS HB2  H N N 218 
LYS HB3  H N N 219 
LYS HG2  H N N 220 
LYS HG3  H N N 221 
LYS HD2  H N N 222 
LYS HD3  H N N 223 
LYS HE2  H N N 224 
LYS HE3  H N N 225 
LYS HZ1  H N N 226 
LYS HZ2  H N N 227 
LYS HZ3  H N N 228 
LYS HXT  H N N 229 
NH4 N    N N N 230 
NH4 HN1  H N N 231 
NH4 HN2  H N N 232 
NH4 HN3  H N N 233 
NH4 HN4  H N N 234 
PRO N    N N N 235 
PRO CA   C N S 236 
PRO C    C N N 237 
PRO O    O N N 238 
PRO CB   C N N 239 
PRO CG   C N N 240 
PRO CD   C N N 241 
PRO OXT  O N N 242 
PRO H    H N N 243 
PRO HA   H N N 244 
PRO HB2  H N N 245 
PRO HB3  H N N 246 
PRO HG2  H N N 247 
PRO HG3  H N N 248 
PRO HD2  H N N 249 
PRO HD3  H N N 250 
PRO HXT  H N N 251 
SER N    N N N 252 
SER CA   C N S 253 
SER C    C N N 254 
SER O    O N N 255 
SER CB   C N N 256 
SER OG   O N N 257 
SER OXT  O N N 258 
SER H    H N N 259 
SER H2   H N N 260 
SER HA   H N N 261 
SER HB2  H N N 262 
SER HB3  H N N 263 
SER HG   H N N 264 
SER HXT  H N N 265 
SO4 S    S N N 266 
SO4 O1   O N N 267 
SO4 O2   O N N 268 
SO4 O3   O N N 269 
SO4 O4   O N N 270 
THR N    N N N 271 
THR CA   C N S 272 
THR C    C N N 273 
THR O    O N N 274 
THR CB   C N R 275 
THR OG1  O N N 276 
THR CG2  C N N 277 
THR OXT  O N N 278 
THR H    H N N 279 
THR H2   H N N 280 
THR HA   H N N 281 
THR HB   H N N 282 
THR HG1  H N N 283 
THR HG21 H N N 284 
THR HG22 H N N 285 
THR HG23 H N N 286 
THR HXT  H N N 287 
TRP N    N N N 288 
TRP CA   C N S 289 
TRP C    C N N 290 
TRP O    O N N 291 
TRP CB   C N N 292 
TRP CG   C Y N 293 
TRP CD1  C Y N 294 
TRP CD2  C Y N 295 
TRP NE1  N Y N 296 
TRP CE2  C Y N 297 
TRP CE3  C Y N 298 
TRP CZ2  C Y N 299 
TRP CZ3  C Y N 300 
TRP CH2  C Y N 301 
TRP OXT  O N N 302 
TRP H    H N N 303 
TRP H2   H N N 304 
TRP HA   H N N 305 
TRP HB2  H N N 306 
TRP HB3  H N N 307 
TRP HD1  H N N 308 
TRP HE1  H N N 309 
TRP HE3  H N N 310 
TRP HZ2  H N N 311 
TRP HZ3  H N N 312 
TRP HH2  H N N 313 
TRP HXT  H N N 314 
TYR N    N N N 315 
TYR CA   C N S 316 
TYR C    C N N 317 
TYR O    O N N 318 
TYR CB   C N N 319 
TYR CG   C Y N 320 
TYR CD1  C Y N 321 
TYR CD2  C Y N 322 
TYR CE1  C Y N 323 
TYR CE2  C Y N 324 
TYR CZ   C Y N 325 
TYR OH   O N N 326 
TYR OXT  O N N 327 
TYR H    H N N 328 
TYR H2   H N N 329 
TYR HA   H N N 330 
TYR HB2  H N N 331 
TYR HB3  H N N 332 
TYR HD1  H N N 333 
TYR HD2  H N N 334 
TYR HE1  H N N 335 
TYR HE2  H N N 336 
TYR HH   H N N 337 
TYR HXT  H N N 338 
VAL N    N N N 339 
VAL CA   C N S 340 
VAL C    C N N 341 
VAL O    O N N 342 
VAL CB   C N N 343 
VAL CG1  C N N 344 
VAL CG2  C N N 345 
VAL OXT  O N N 346 
VAL H    H N N 347 
VAL H2   H N N 348 
VAL HA   H N N 349 
VAL HB   H N N 350 
VAL HG11 H N N 351 
VAL HG12 H N N 352 
VAL HG13 H N N 353 
VAL HG21 H N N 354 
VAL HG22 H N N 355 
VAL HG23 H N N 356 
VAL HXT  H N N 357 
# 
loop_
_chem_comp_bond.comp_id 
_chem_comp_bond.atom_id_1 
_chem_comp_bond.atom_id_2 
_chem_comp_bond.value_order 
_chem_comp_bond.pdbx_aromatic_flag 
_chem_comp_bond.pdbx_stereo_config 
_chem_comp_bond.pdbx_ordinal 
ALA N   CA   sing N N 1   
ALA N   H    sing N N 2   
ALA N   H2   sing N N 3   
ALA CA  C    sing N N 4   
ALA CA  CB   sing N N 5   
ALA CA  HA   sing N N 6   
ALA C   O    doub N N 7   
ALA C   OXT  sing N N 8   
ALA CB  HB1  sing N N 9   
ALA CB  HB2  sing N N 10  
ALA CB  HB3  sing N N 11  
ALA OXT HXT  sing N N 12  
ARG N   CA   sing N N 13  
ARG N   H    sing N N 14  
ARG N   H2   sing N N 15  
ARG CA  C    sing N N 16  
ARG CA  CB   sing N N 17  
ARG CA  HA   sing N N 18  
ARG C   O    doub N N 19  
ARG C   OXT  sing N N 20  
ARG CB  CG   sing N N 21  
ARG CB  HB2  sing N N 22  
ARG CB  HB3  sing N N 23  
ARG CG  CD   sing N N 24  
ARG CG  HG2  sing N N 25  
ARG CG  HG3  sing N N 26  
ARG CD  NE   sing N N 27  
ARG CD  HD2  sing N N 28  
ARG CD  HD3  sing N N 29  
ARG NE  CZ   sing N N 30  
ARG NE  HE   sing N N 31  
ARG CZ  NH1  sing N N 32  
ARG CZ  NH2  doub N N 33  
ARG NH1 HH11 sing N N 34  
ARG NH1 HH12 sing N N 35  
ARG NH2 HH21 sing N N 36  
ARG NH2 HH22 sing N N 37  
ARG OXT HXT  sing N N 38  
ASN N   CA   sing N N 39  
ASN N   H    sing N N 40  
ASN N   H2   sing N N 41  
ASN CA  C    sing N N 42  
ASN CA  CB   sing N N 43  
ASN CA  HA   sing N N 44  
ASN C   O    doub N N 45  
ASN C   OXT  sing N N 46  
ASN CB  CG   sing N N 47  
ASN CB  HB2  sing N N 48  
ASN CB  HB3  sing N N 49  
ASN CG  OD1  doub N N 50  
ASN CG  ND2  sing N N 51  
ASN ND2 HD21 sing N N 52  
ASN ND2 HD22 sing N N 53  
ASN OXT HXT  sing N N 54  
ASP N   CA   sing N N 55  
ASP N   H    sing N N 56  
ASP N   H2   sing N N 57  
ASP CA  C    sing N N 58  
ASP CA  CB   sing N N 59  
ASP CA  HA   sing N N 60  
ASP C   O    doub N N 61  
ASP C   OXT  sing N N 62  
ASP CB  CG   sing N N 63  
ASP CB  HB2  sing N N 64  
ASP CB  HB3  sing N N 65  
ASP CG  OD1  doub N N 66  
ASP CG  OD2  sing N N 67  
ASP OD2 HD2  sing N N 68  
ASP OXT HXT  sing N N 69  
CYS N   CA   sing N N 70  
CYS N   H    sing N N 71  
CYS N   H2   sing N N 72  
CYS CA  C    sing N N 73  
CYS CA  CB   sing N N 74  
CYS CA  HA   sing N N 75  
CYS C   O    doub N N 76  
CYS C   OXT  sing N N 77  
CYS CB  SG   sing N N 78  
CYS CB  HB2  sing N N 79  
CYS CB  HB3  sing N N 80  
CYS SG  HG   sing N N 81  
CYS OXT HXT  sing N N 82  
GLN N   CA   sing N N 83  
GLN N   H    sing N N 84  
GLN N   H2   sing N N 85  
GLN CA  C    sing N N 86  
GLN CA  CB   sing N N 87  
GLN CA  HA   sing N N 88  
GLN C   O    doub N N 89  
GLN C   OXT  sing N N 90  
GLN CB  CG   sing N N 91  
GLN CB  HB2  sing N N 92  
GLN CB  HB3  sing N N 93  
GLN CG  CD   sing N N 94  
GLN CG  HG2  sing N N 95  
GLN CG  HG3  sing N N 96  
GLN CD  OE1  doub N N 97  
GLN CD  NE2  sing N N 98  
GLN NE2 HE21 sing N N 99  
GLN NE2 HE22 sing N N 100 
GLN OXT HXT  sing N N 101 
GLU N   CA   sing N N 102 
GLU N   H    sing N N 103 
GLU N   H2   sing N N 104 
GLU CA  C    sing N N 105 
GLU CA  CB   sing N N 106 
GLU CA  HA   sing N N 107 
GLU C   O    doub N N 108 
GLU C   OXT  sing N N 109 
GLU CB  CG   sing N N 110 
GLU CB  HB2  sing N N 111 
GLU CB  HB3  sing N N 112 
GLU CG  CD   sing N N 113 
GLU CG  HG2  sing N N 114 
GLU CG  HG3  sing N N 115 
GLU CD  OE1  doub N N 116 
GLU CD  OE2  sing N N 117 
GLU OE2 HE2  sing N N 118 
GLU OXT HXT  sing N N 119 
GLY N   CA   sing N N 120 
GLY N   H    sing N N 121 
GLY N   H2   sing N N 122 
GLY CA  C    sing N N 123 
GLY CA  HA2  sing N N 124 
GLY CA  HA3  sing N N 125 
GLY C   O    doub N N 126 
GLY C   OXT  sing N N 127 
GLY OXT HXT  sing N N 128 
HIS N   CA   sing N N 129 
HIS N   H    sing N N 130 
HIS N   H2   sing N N 131 
HIS CA  C    sing N N 132 
HIS CA  CB   sing N N 133 
HIS CA  HA   sing N N 134 
HIS C   O    doub N N 135 
HIS C   OXT  sing N N 136 
HIS CB  CG   sing N N 137 
HIS CB  HB2  sing N N 138 
HIS CB  HB3  sing N N 139 
HIS CG  ND1  sing Y N 140 
HIS CG  CD2  doub Y N 141 
HIS ND1 CE1  doub Y N 142 
HIS ND1 HD1  sing N N 143 
HIS CD2 NE2  sing Y N 144 
HIS CD2 HD2  sing N N 145 
HIS CE1 NE2  sing Y N 146 
HIS CE1 HE1  sing N N 147 
HIS NE2 HE2  sing N N 148 
HIS OXT HXT  sing N N 149 
HOH O   H1   sing N N 150 
HOH O   H2   sing N N 151 
ILE N   CA   sing N N 152 
ILE N   H    sing N N 153 
ILE N   H2   sing N N 154 
ILE CA  C    sing N N 155 
ILE CA  CB   sing N N 156 
ILE CA  HA   sing N N 157 
ILE C   O    doub N N 158 
ILE C   OXT  sing N N 159 
ILE CB  CG1  sing N N 160 
ILE CB  CG2  sing N N 161 
ILE CB  HB   sing N N 162 
ILE CG1 CD1  sing N N 163 
ILE CG1 HG12 sing N N 164 
ILE CG1 HG13 sing N N 165 
ILE CG2 HG21 sing N N 166 
ILE CG2 HG22 sing N N 167 
ILE CG2 HG23 sing N N 168 
ILE CD1 HD11 sing N N 169 
ILE CD1 HD12 sing N N 170 
ILE CD1 HD13 sing N N 171 
ILE OXT HXT  sing N N 172 
LEU N   CA   sing N N 173 
LEU N   H    sing N N 174 
LEU N   H2   sing N N 175 
LEU CA  C    sing N N 176 
LEU CA  CB   sing N N 177 
LEU CA  HA   sing N N 178 
LEU C   O    doub N N 179 
LEU C   OXT  sing N N 180 
LEU CB  CG   sing N N 181 
LEU CB  HB2  sing N N 182 
LEU CB  HB3  sing N N 183 
LEU CG  CD1  sing N N 184 
LEU CG  CD2  sing N N 185 
LEU CG  HG   sing N N 186 
LEU CD1 HD11 sing N N 187 
LEU CD1 HD12 sing N N 188 
LEU CD1 HD13 sing N N 189 
LEU CD2 HD21 sing N N 190 
LEU CD2 HD22 sing N N 191 
LEU CD2 HD23 sing N N 192 
LEU OXT HXT  sing N N 193 
LYS N   CA   sing N N 194 
LYS N   H    sing N N 195 
LYS N   H2   sing N N 196 
LYS CA  C    sing N N 197 
LYS CA  CB   sing N N 198 
LYS CA  HA   sing N N 199 
LYS C   O    doub N N 200 
LYS C   OXT  sing N N 201 
LYS CB  CG   sing N N 202 
LYS CB  HB2  sing N N 203 
LYS CB  HB3  sing N N 204 
LYS CG  CD   sing N N 205 
LYS CG  HG2  sing N N 206 
LYS CG  HG3  sing N N 207 
LYS CD  CE   sing N N 208 
LYS CD  HD2  sing N N 209 
LYS CD  HD3  sing N N 210 
LYS CE  NZ   sing N N 211 
LYS CE  HE2  sing N N 212 
LYS CE  HE3  sing N N 213 
LYS NZ  HZ1  sing N N 214 
LYS NZ  HZ2  sing N N 215 
LYS NZ  HZ3  sing N N 216 
LYS OXT HXT  sing N N 217 
NH4 N   HN1  sing N N 218 
NH4 N   HN2  sing N N 219 
NH4 N   HN3  sing N N 220 
NH4 N   HN4  sing N N 221 
PRO N   CA   sing N N 222 
PRO N   CD   sing N N 223 
PRO N   H    sing N N 224 
PRO CA  C    sing N N 225 
PRO CA  CB   sing N N 226 
PRO CA  HA   sing N N 227 
PRO C   O    doub N N 228 
PRO C   OXT  sing N N 229 
PRO CB  CG   sing N N 230 
PRO CB  HB2  sing N N 231 
PRO CB  HB3  sing N N 232 
PRO CG  CD   sing N N 233 
PRO CG  HG2  sing N N 234 
PRO CG  HG3  sing N N 235 
PRO CD  HD2  sing N N 236 
PRO CD  HD3  sing N N 237 
PRO OXT HXT  sing N N 238 
SER N   CA   sing N N 239 
SER N   H    sing N N 240 
SER N   H2   sing N N 241 
SER CA  C    sing N N 242 
SER CA  CB   sing N N 243 
SER CA  HA   sing N N 244 
SER C   O    doub N N 245 
SER C   OXT  sing N N 246 
SER CB  OG   sing N N 247 
SER CB  HB2  sing N N 248 
SER CB  HB3  sing N N 249 
SER OG  HG   sing N N 250 
SER OXT HXT  sing N N 251 
SO4 S   O1   doub N N 252 
SO4 S   O2   doub N N 253 
SO4 S   O3   sing N N 254 
SO4 S   O4   sing N N 255 
THR N   CA   sing N N 256 
THR N   H    sing N N 257 
THR N   H2   sing N N 258 
THR CA  C    sing N N 259 
THR CA  CB   sing N N 260 
THR CA  HA   sing N N 261 
THR C   O    doub N N 262 
THR C   OXT  sing N N 263 
THR CB  OG1  sing N N 264 
THR CB  CG2  sing N N 265 
THR CB  HB   sing N N 266 
THR OG1 HG1  sing N N 267 
THR CG2 HG21 sing N N 268 
THR CG2 HG22 sing N N 269 
THR CG2 HG23 sing N N 270 
THR OXT HXT  sing N N 271 
TRP N   CA   sing N N 272 
TRP N   H    sing N N 273 
TRP N   H2   sing N N 274 
TRP CA  C    sing N N 275 
TRP CA  CB   sing N N 276 
TRP CA  HA   sing N N 277 
TRP C   O    doub N N 278 
TRP C   OXT  sing N N 279 
TRP CB  CG   sing N N 280 
TRP CB  HB2  sing N N 281 
TRP CB  HB3  sing N N 282 
TRP CG  CD1  doub Y N 283 
TRP CG  CD2  sing Y N 284 
TRP CD1 NE1  sing Y N 285 
TRP CD1 HD1  sing N N 286 
TRP CD2 CE2  doub Y N 287 
TRP CD2 CE3  sing Y N 288 
TRP NE1 CE2  sing Y N 289 
TRP NE1 HE1  sing N N 290 
TRP CE2 CZ2  sing Y N 291 
TRP CE3 CZ3  doub Y N 292 
TRP CE3 HE3  sing N N 293 
TRP CZ2 CH2  doub Y N 294 
TRP CZ2 HZ2  sing N N 295 
TRP CZ3 CH2  sing Y N 296 
TRP CZ3 HZ3  sing N N 297 
TRP CH2 HH2  sing N N 298 
TRP OXT HXT  sing N N 299 
TYR N   CA   sing N N 300 
TYR N   H    sing N N 301 
TYR N   H2   sing N N 302 
TYR CA  C    sing N N 303 
TYR CA  CB   sing N N 304 
TYR CA  HA   sing N N 305 
TYR C   O    doub N N 306 
TYR C   OXT  sing N N 307 
TYR CB  CG   sing N N 308 
TYR CB  HB2  sing N N 309 
TYR CB  HB3  sing N N 310 
TYR CG  CD1  doub Y N 311 
TYR CG  CD2  sing Y N 312 
TYR CD1 CE1  sing Y N 313 
TYR CD1 HD1  sing N N 314 
TYR CD2 CE2  doub Y N 315 
TYR CD2 HD2  sing N N 316 
TYR CE1 CZ   doub Y N 317 
TYR CE1 HE1  sing N N 318 
TYR CE2 CZ   sing Y N 319 
TYR CE2 HE2  sing N N 320 
TYR CZ  OH   sing N N 321 
TYR OH  HH   sing N N 322 
TYR OXT HXT  sing N N 323 
VAL N   CA   sing N N 324 
VAL N   H    sing N N 325 
VAL N   H2   sing N N 326 
VAL CA  C    sing N N 327 
VAL CA  CB   sing N N 328 
VAL CA  HA   sing N N 329 
VAL C   O    doub N N 330 
VAL C   OXT  sing N N 331 
VAL CB  CG1  sing N N 332 
VAL CB  CG2  sing N N 333 
VAL CB  HB   sing N N 334 
VAL CG1 HG11 sing N N 335 
VAL CG1 HG12 sing N N 336 
VAL CG1 HG13 sing N N 337 
VAL CG2 HG21 sing N N 338 
VAL CG2 HG22 sing N N 339 
VAL CG2 HG23 sing N N 340 
VAL OXT HXT  sing N N 341 
# 
loop_
_pdbx_entity_nonpoly.entity_id 
_pdbx_entity_nonpoly.name 
_pdbx_entity_nonpoly.comp_id 
2 'AMMONIUM ION' NH4 
3 'SULFATE ION'  SO4 
4 water          HOH 
# 
_pdbx_initial_refinement_model.id               1 
_pdbx_initial_refinement_model.entity_id_list   ? 
_pdbx_initial_refinement_model.type             'experimental model' 
_pdbx_initial_refinement_model.source_name      PDB 
_pdbx_initial_refinement_model.accession_code   1GV5 
_pdbx_initial_refinement_model.details          'PDB ENTRY 1GV5' 
# 
